data_6Q8M
#
_entry.id   6Q8M
#
_cell.length_a   47.342
_cell.length_b   74.073
_cell.length_c   213.902
_cell.angle_alpha   90.00
_cell.angle_beta   90.00
_cell.angle_gamma   90.00
#
_symmetry.space_group_name_H-M   'P 21 21 21'
#
loop_
_entity.id
_entity.type
_entity.pdbx_description
1 polymer Beta-xylanase
2 non-polymer 2-acetamido-2-deoxy-beta-D-glucopyranose
3 non-polymer 1,2-ETHANEDIOL
4 non-polymer 'POTASSIUM ION'
5 water water
#
_entity_poly.entity_id   1
_entity_poly.type   'polypeptide(L)'
_entity_poly.pdbx_seq_one_letter_code
;MVGLLPITAALAATVLPNIVSAVGLDQAAVAKGLQYFGTATDNPELTDIPYVTQLNNTADFGQITPGNSMKWDATEPSQG
TFTFTKGDVIADLAEGNGQYLRCHTLVWYNQLPSWVTSGTWTNATLTAALKNHITNVVSHYKGKCLHWDVVNEALNDDGT
YRTNIFYTTIGEAYIPIAFAAAAAADPDAKLFYNDYNLEYGGAKAASARAIVQLVKNAGAKIDGVGLQAHFSVGTVPSTS
SLVSVLQSFTALGVEVAYTEADVRILLPTTATTLAQQSSDFQALVQSCVQTTGCVGFTIWDWTDKYSWVPSTFSGYGAAL
PWDENLVKKPAYNGLLAGMGVTVTTTTTTTTATATGKTTTTTAGAASTGTTAAHWGQCGGLNWSGPTVCASGYTCTYVND
YYSQCL
;
_entity_poly.pdbx_strand_id   A,B
#
# COMPACT_ATOMS: atom_id res chain seq x y z
N VAL A 23 -23.28 9.88 -19.77
CA VAL A 23 -21.95 10.54 -19.65
C VAL A 23 -20.89 9.45 -19.84
N GLY A 24 -19.89 9.72 -20.68
CA GLY A 24 -18.75 8.81 -20.86
C GLY A 24 -17.61 9.18 -19.94
N LEU A 25 -16.57 8.35 -19.97
CA LEU A 25 -15.41 8.60 -19.07
C LEU A 25 -14.70 9.92 -19.38
N ASP A 26 -14.42 10.26 -20.66
CA ASP A 26 -13.73 11.50 -21.01
C ASP A 26 -14.62 12.72 -20.73
N GLN A 27 -15.91 12.60 -21.00
CA GLN A 27 -16.86 13.69 -20.68
C GLN A 27 -16.86 13.96 -19.16
N ALA A 28 -16.82 12.90 -18.35
CA ALA A 28 -16.80 12.98 -16.88
C ALA A 28 -15.50 13.65 -16.46
N ALA A 29 -14.39 13.22 -17.09
CA ALA A 29 -13.07 13.74 -16.72
C ALA A 29 -12.97 15.24 -16.96
N VAL A 30 -13.40 15.65 -18.18
CA VAL A 30 -13.25 17.06 -18.59
C VAL A 30 -14.19 17.94 -17.76
N ALA A 31 -15.35 17.39 -17.38
CA ALA A 31 -16.30 18.13 -16.49
C ALA A 31 -15.67 18.39 -15.11
N LYS A 32 -14.69 17.58 -14.69
CA LYS A 32 -13.99 17.74 -13.37
C LYS A 32 -12.64 18.43 -13.55
N GLY A 33 -12.31 18.97 -14.73
CA GLY A 33 -11.10 19.76 -14.93
C GLY A 33 -9.90 18.96 -15.42
N LEU A 34 -10.06 17.67 -15.68
CA LEU A 34 -8.94 16.90 -16.27
C LEU A 34 -8.88 17.28 -17.75
N GLN A 35 -7.75 17.04 -18.36
N GLN A 35 -7.75 17.05 -18.39
CA GLN A 35 -7.57 17.29 -19.81
CA GLN A 35 -7.62 17.24 -19.87
C GLN A 35 -8.12 16.11 -20.62
C GLN A 35 -8.29 16.08 -20.60
N TYR A 36 -8.14 14.87 -20.08
CA TYR A 36 -8.61 13.67 -20.80
C TYR A 36 -8.80 12.49 -19.87
N PHE A 37 -9.57 11.54 -20.36
CA PHE A 37 -9.60 10.12 -19.97
C PHE A 37 -9.25 9.36 -21.22
N GLY A 38 -8.27 8.47 -21.21
CA GLY A 38 -7.85 7.82 -22.45
C GLY A 38 -7.38 6.42 -22.25
N THR A 39 -6.82 5.80 -23.30
CA THR A 39 -6.49 4.38 -23.34
C THR A 39 -5.31 4.18 -24.27
N ALA A 40 -4.52 3.20 -23.95
CA ALA A 40 -3.55 2.64 -24.89
C ALA A 40 -4.26 1.73 -25.88
N THR A 41 -3.59 1.48 -27.00
CA THR A 41 -4.06 0.48 -27.97
C THR A 41 -2.83 -0.08 -28.68
N ASP A 42 -3.01 -1.00 -29.63
CA ASP A 42 -1.86 -1.54 -30.38
C ASP A 42 -2.34 -1.90 -31.77
N ASN A 43 -1.44 -1.80 -32.71
CA ASN A 43 -1.74 -1.98 -34.16
C ASN A 43 -2.51 -3.27 -34.45
N PRO A 44 -2.12 -4.44 -33.91
CA PRO A 44 -2.80 -5.72 -34.20
C PRO A 44 -4.29 -5.71 -33.86
N GLU A 45 -4.72 -4.82 -32.96
CA GLU A 45 -6.12 -4.79 -32.47
C GLU A 45 -7.02 -4.05 -33.44
N LEU A 46 -6.45 -3.33 -34.40
CA LEU A 46 -7.21 -2.35 -35.21
C LEU A 46 -7.92 -3.06 -36.37
N THR A 47 -7.79 -4.37 -36.50
CA THR A 47 -8.62 -5.15 -37.47
C THR A 47 -9.90 -5.63 -36.81
N ASP A 48 -10.06 -5.43 -35.50
CA ASP A 48 -11.25 -5.87 -34.73
C ASP A 48 -12.24 -4.72 -34.76
N ILE A 49 -13.25 -4.77 -35.65
CA ILE A 49 -14.08 -3.57 -35.91
C ILE A 49 -14.91 -3.18 -34.68
N PRO A 50 -15.57 -4.13 -33.95
CA PRO A 50 -16.28 -3.75 -32.71
C PRO A 50 -15.32 -3.06 -31.70
N TYR A 51 -14.07 -3.50 -31.66
CA TYR A 51 -13.03 -2.87 -30.79
C TYR A 51 -12.75 -1.44 -31.22
N VAL A 52 -12.47 -1.24 -32.52
CA VAL A 52 -12.12 0.12 -33.01
C VAL A 52 -13.33 1.05 -32.88
N THR A 53 -14.54 0.51 -33.07
CA THR A 53 -15.76 1.32 -32.93
C THR A 53 -15.76 1.99 -31.54
N GLN A 54 -15.39 1.22 -30.51
CA GLN A 54 -15.39 1.77 -29.11
C GLN A 54 -14.12 2.57 -28.84
N LEU A 55 -13.00 2.15 -29.42
CA LEU A 55 -11.75 2.97 -29.30
C LEU A 55 -11.98 4.38 -29.86
N ASN A 56 -12.81 4.48 -30.91
CA ASN A 56 -13.19 5.75 -31.55
C ASN A 56 -14.34 6.49 -30.87
N ASN A 57 -14.82 5.98 -29.73
CA ASN A 57 -15.94 6.63 -28.99
C ASN A 57 -15.35 7.71 -28.10
N THR A 58 -15.36 8.95 -28.54
CA THR A 58 -14.70 10.09 -27.87
C THR A 58 -15.49 10.55 -26.64
N ALA A 59 -16.69 10.01 -26.43
CA ALA A 59 -17.40 10.22 -25.16
C ALA A 59 -16.58 9.53 -24.05
N ASP A 60 -15.99 8.40 -24.35
CA ASP A 60 -15.20 7.62 -23.34
C ASP A 60 -13.72 7.99 -23.44
N PHE A 61 -13.15 8.09 -24.64
CA PHE A 61 -11.69 8.15 -24.80
C PHE A 61 -11.30 9.41 -25.52
N GLY A 62 -10.67 10.36 -24.84
CA GLY A 62 -10.20 11.65 -25.38
C GLY A 62 -8.72 11.60 -25.74
N GLN A 63 -8.07 10.45 -25.53
CA GLN A 63 -6.58 10.37 -25.58
C GLN A 63 -6.23 8.93 -25.88
N ILE A 64 -5.14 8.73 -26.63
CA ILE A 64 -4.63 7.42 -27.08
C ILE A 64 -3.11 7.39 -26.79
N THR A 65 -2.63 6.22 -26.37
CA THR A 65 -1.20 5.89 -26.28
C THR A 65 -0.93 4.70 -27.20
N PRO A 66 0.11 4.80 -28.09
CA PRO A 66 0.57 3.63 -28.82
C PRO A 66 1.30 2.68 -27.85
N GLY A 67 0.78 1.49 -27.70
CA GLY A 67 1.36 0.54 -26.74
C GLY A 67 2.76 0.11 -27.13
N ASN A 68 3.08 0.02 -28.41
CA ASN A 68 4.35 -0.61 -28.84
C ASN A 68 5.01 0.08 -30.03
N SER A 69 4.25 0.64 -30.94
CA SER A 69 4.81 0.97 -32.28
C SER A 69 5.61 2.27 -32.31
N MET A 70 5.79 2.99 -31.19
CA MET A 70 6.74 4.13 -31.14
C MET A 70 7.97 3.75 -30.29
N LYS A 71 8.13 2.51 -29.86
CA LYS A 71 9.31 2.08 -29.10
C LYS A 71 10.51 1.91 -30.02
N TRP A 72 11.67 1.82 -29.42
CA TRP A 72 12.93 1.92 -30.18
C TRP A 72 13.02 0.75 -31.17
N ASP A 73 12.67 -0.47 -30.78
CA ASP A 73 12.78 -1.61 -31.73
C ASP A 73 11.84 -1.39 -32.91
N ALA A 74 10.72 -0.73 -32.74
CA ALA A 74 9.73 -0.48 -33.82
C ALA A 74 10.13 0.68 -34.72
N THR A 75 10.89 1.66 -34.23
CA THR A 75 11.14 2.93 -34.93
C THR A 75 12.57 2.97 -35.47
N GLU A 76 13.54 2.30 -34.87
CA GLU A 76 14.93 2.34 -35.38
C GLU A 76 15.52 0.95 -35.39
N PRO A 77 15.04 0.05 -36.28
CA PRO A 77 15.43 -1.34 -36.22
C PRO A 77 16.87 -1.63 -36.65
N SER A 78 17.47 -0.68 -37.37
CA SER A 78 18.93 -0.70 -37.61
C SER A 78 19.44 0.73 -37.41
N GLN A 79 20.70 0.88 -37.04
CA GLN A 79 21.20 2.20 -36.63
C GLN A 79 21.05 3.18 -37.81
N GLY A 80 20.39 4.31 -37.60
CA GLY A 80 20.17 5.37 -38.60
C GLY A 80 19.07 5.08 -39.58
N THR A 81 18.36 3.96 -39.48
CA THR A 81 17.22 3.66 -40.38
C THR A 81 15.94 3.71 -39.55
N PHE A 82 15.04 4.61 -39.89
CA PHE A 82 13.80 4.89 -39.11
C PHE A 82 12.59 4.35 -39.86
N THR A 83 11.68 3.71 -39.13
CA THR A 83 10.42 3.14 -39.68
C THR A 83 9.23 3.63 -38.86
N PHE A 84 8.38 4.45 -39.43
CA PHE A 84 7.28 5.12 -38.70
C PHE A 84 5.92 4.62 -39.17
N THR A 85 5.85 3.66 -40.09
CA THR A 85 4.52 3.32 -40.65
C THR A 85 3.55 2.92 -39.51
N LYS A 86 3.99 2.04 -38.62
CA LYS A 86 3.04 1.48 -37.61
C LYS A 86 2.71 2.55 -36.54
N GLY A 87 3.70 3.34 -36.14
CA GLY A 87 3.45 4.45 -35.20
C GLY A 87 2.50 5.48 -35.80
N ASP A 88 2.66 5.77 -37.09
CA ASP A 88 1.80 6.76 -37.78
C ASP A 88 0.34 6.27 -37.88
N VAL A 89 0.07 4.97 -37.94
CA VAL A 89 -1.33 4.41 -37.91
C VAL A 89 -1.99 4.90 -36.60
N ILE A 90 -1.28 4.78 -35.49
CA ILE A 90 -1.89 5.15 -34.19
C ILE A 90 -2.01 6.68 -34.13
N ALA A 91 -0.98 7.43 -34.52
CA ALA A 91 -1.04 8.89 -34.49
C ALA A 91 -2.21 9.37 -35.39
N ASP A 92 -2.38 8.74 -36.55
CA ASP A 92 -3.40 9.22 -37.52
C ASP A 92 -4.78 8.90 -36.99
N LEU A 93 -4.91 7.81 -36.24
CA LEU A 93 -6.23 7.44 -35.67
C LEU A 93 -6.60 8.48 -34.62
N ALA A 94 -5.66 8.87 -33.76
CA ALA A 94 -5.92 9.91 -32.75
C ALA A 94 -6.29 11.22 -33.44
N GLU A 95 -5.56 11.60 -34.48
CA GLU A 95 -5.82 12.87 -35.17
C GLU A 95 -7.22 12.82 -35.83
N GLY A 96 -7.58 11.68 -36.40
CA GLY A 96 -8.89 11.48 -37.06
C GLY A 96 -10.03 11.63 -36.08
N ASN A 97 -9.82 11.22 -34.82
CA ASN A 97 -10.87 11.26 -33.76
C ASN A 97 -10.85 12.58 -32.99
N GLY A 98 -9.82 13.41 -33.14
CA GLY A 98 -9.55 14.59 -32.33
C GLY A 98 -9.17 14.20 -30.90
N GLN A 99 -8.56 13.04 -30.73
CA GLN A 99 -8.00 12.60 -29.41
C GLN A 99 -6.58 13.10 -29.25
N TYR A 100 -6.19 13.46 -28.01
CA TYR A 100 -4.76 13.69 -27.70
C TYR A 100 -3.96 12.39 -27.88
N LEU A 101 -2.68 12.59 -28.14
CA LEU A 101 -1.72 11.50 -28.25
C LEU A 101 -0.66 11.63 -27.16
N ARG A 102 -0.48 10.57 -26.39
CA ARG A 102 0.70 10.42 -25.50
C ARG A 102 1.69 9.54 -26.26
N CYS A 103 2.79 10.10 -26.66
CA CYS A 103 3.82 9.38 -27.41
C CYS A 103 4.69 8.63 -26.41
N HIS A 104 4.99 7.38 -26.73
CA HIS A 104 5.53 6.43 -25.75
C HIS A 104 6.37 5.41 -26.49
N THR A 105 7.64 5.14 -26.14
CA THR A 105 8.49 5.80 -25.16
C THR A 105 9.91 5.82 -25.76
N LEU A 106 10.71 6.82 -25.44
CA LEU A 106 11.98 6.99 -26.16
C LEU A 106 13.06 6.10 -25.57
N VAL A 107 13.24 6.07 -24.26
CA VAL A 107 14.39 5.45 -23.63
C VAL A 107 13.88 4.49 -22.56
N TRP A 108 14.24 3.24 -22.68
CA TRP A 108 13.73 2.17 -21.78
C TRP A 108 14.65 0.98 -21.91
N TYR A 109 14.76 0.17 -20.88
CA TYR A 109 15.62 -1.04 -20.95
C TYR A 109 15.01 -2.09 -21.88
N ASN A 110 13.70 -2.05 -22.07
CA ASN A 110 12.99 -3.15 -22.76
C ASN A 110 12.65 -2.70 -24.20
N GLN A 111 12.45 -3.68 -25.07
CA GLN A 111 12.05 -3.40 -26.50
C GLN A 111 13.10 -2.51 -27.19
N LEU A 112 14.37 -2.78 -26.89
CA LEU A 112 15.52 -2.24 -27.63
C LEU A 112 15.86 -3.24 -28.73
N PRO A 113 16.32 -2.74 -29.88
CA PRO A 113 16.91 -3.63 -30.88
C PRO A 113 18.29 -4.09 -30.46
N SER A 114 18.72 -5.21 -31.01
CA SER A 114 20.01 -5.84 -30.66
C SER A 114 21.19 -4.94 -31.01
N TRP A 115 21.10 -4.05 -32.00
CA TRP A 115 22.25 -3.20 -32.34
C TRP A 115 22.53 -2.26 -31.15
N VAL A 116 21.52 -1.92 -30.37
CA VAL A 116 21.77 -1.08 -29.15
C VAL A 116 22.32 -1.96 -28.04
N THR A 117 21.66 -3.08 -27.71
CA THR A 117 22.04 -3.86 -26.54
C THR A 117 23.37 -4.61 -26.69
N SER A 118 23.71 -4.91 -27.96
CA SER A 118 24.87 -5.74 -28.33
C SER A 118 26.00 -4.89 -28.92
N GLY A 119 25.83 -3.57 -28.93
CA GLY A 119 26.83 -2.69 -29.56
C GLY A 119 28.11 -2.60 -28.75
N THR A 120 29.20 -2.21 -29.42
N THR A 120 29.22 -2.20 -29.40
CA THR A 120 30.51 -1.93 -28.79
CA THR A 120 30.52 -1.93 -28.75
C THR A 120 30.59 -0.41 -28.66
C THR A 120 30.64 -0.42 -28.62
N TRP A 121 30.15 0.09 -27.52
CA TRP A 121 29.87 1.51 -27.34
C TRP A 121 30.96 2.15 -26.50
N THR A 122 31.05 3.45 -26.71
CA THR A 122 31.72 4.36 -25.73
C THR A 122 30.63 5.33 -25.25
N ASN A 123 30.94 6.09 -24.20
CA ASN A 123 30.01 7.16 -23.77
C ASN A 123 29.68 8.03 -24.97
N ALA A 124 30.69 8.52 -25.69
CA ALA A 124 30.46 9.42 -26.81
C ALA A 124 29.58 8.77 -27.90
N THR A 125 29.88 7.53 -28.30
CA THR A 125 29.13 6.97 -29.44
C THR A 125 27.69 6.62 -29.02
N LEU A 126 27.49 6.07 -27.83
CA LEU A 126 26.11 5.74 -27.42
C LEU A 126 25.34 7.03 -27.15
N THR A 127 26.00 8.06 -26.57
CA THR A 127 25.33 9.34 -26.43
C THR A 127 24.87 9.86 -27.78
N ALA A 128 25.75 9.83 -28.78
CA ALA A 128 25.36 10.33 -30.12
C ALA A 128 24.20 9.52 -30.69
N ALA A 129 24.24 8.19 -30.56
CA ALA A 129 23.15 7.33 -31.07
C ALA A 129 21.83 7.59 -30.35
N LEU A 130 21.90 7.84 -29.03
CA LEU A 130 20.72 8.19 -28.20
C LEU A 130 20.11 9.49 -28.69
N LYS A 131 20.96 10.52 -28.79
CA LYS A 131 20.44 11.81 -29.26
C LYS A 131 19.88 11.65 -30.65
N ASN A 132 20.53 10.88 -31.52
CA ASN A 132 20.02 10.78 -32.91
C ASN A 132 18.67 10.06 -32.93
N HIS A 133 18.50 9.02 -32.12
CA HIS A 133 17.23 8.29 -32.04
C HIS A 133 16.15 9.29 -31.64
N ILE A 134 16.39 9.98 -30.53
CA ILE A 134 15.37 10.92 -30.01
C ILE A 134 15.08 12.04 -31.01
N THR A 135 16.11 12.62 -31.60
CA THR A 135 15.88 13.75 -32.53
C THR A 135 15.02 13.29 -33.70
N ASN A 136 15.30 12.12 -34.26
CA ASN A 136 14.56 11.60 -35.44
C ASN A 136 13.12 11.28 -35.06
N VAL A 137 12.90 10.58 -33.98
CA VAL A 137 11.52 10.15 -33.61
C VAL A 137 10.72 11.36 -33.19
N VAL A 138 11.27 12.19 -32.33
CA VAL A 138 10.50 13.36 -31.80
C VAL A 138 10.24 14.34 -32.96
N SER A 139 11.24 14.55 -33.82
CA SER A 139 11.05 15.44 -34.99
C SER A 139 9.93 14.93 -35.90
N HIS A 140 9.88 13.64 -36.16
CA HIS A 140 8.85 12.98 -37.01
C HIS A 140 7.46 13.31 -36.51
N TYR A 141 7.28 13.27 -35.18
CA TYR A 141 5.96 13.45 -34.56
C TYR A 141 5.78 14.88 -34.08
N LYS A 142 6.63 15.82 -34.47
CA LYS A 142 6.66 17.18 -33.89
C LYS A 142 5.26 17.78 -33.97
N GLY A 143 4.73 18.26 -32.84
CA GLY A 143 3.43 18.96 -32.76
C GLY A 143 2.26 18.02 -32.61
N LYS A 144 2.48 16.72 -32.70
CA LYS A 144 1.41 15.70 -32.64
C LYS A 144 1.26 15.17 -31.20
N CYS A 145 2.27 15.33 -30.37
CA CYS A 145 2.39 14.62 -29.06
C CYS A 145 2.03 15.59 -27.92
N LEU A 146 0.92 15.36 -27.22
CA LEU A 146 0.64 16.20 -26.03
C LEU A 146 1.76 15.97 -25.01
N HIS A 147 2.07 14.68 -24.79
CA HIS A 147 3.15 14.27 -23.89
C HIS A 147 4.09 13.34 -24.64
N TRP A 148 5.35 13.31 -24.21
CA TRP A 148 6.29 12.21 -24.49
C TRP A 148 6.65 11.54 -23.17
N ASP A 149 6.60 10.21 -23.14
CA ASP A 149 7.33 9.44 -22.10
C ASP A 149 8.77 9.38 -22.56
N VAL A 150 9.60 10.30 -22.09
CA VAL A 150 10.98 10.38 -22.62
C VAL A 150 11.82 9.25 -22.04
N VAL A 151 11.82 9.14 -20.71
CA VAL A 151 12.57 8.10 -19.99
C VAL A 151 11.57 7.27 -19.20
N ASN A 152 11.63 5.96 -19.43
CA ASN A 152 10.71 4.98 -18.81
C ASN A 152 11.47 4.06 -17.86
N GLU A 153 10.94 3.86 -16.66
CA GLU A 153 11.35 2.79 -15.73
C GLU A 153 12.87 2.77 -15.55
N ALA A 154 13.44 3.87 -15.05
CA ALA A 154 14.89 3.95 -14.85
C ALA A 154 15.31 3.47 -13.47
N LEU A 155 14.37 2.98 -12.64
CA LEU A 155 14.63 2.68 -11.24
C LEU A 155 14.35 1.21 -10.92
N ASN A 156 15.21 0.67 -10.09
CA ASN A 156 14.93 -0.59 -9.43
C ASN A 156 13.87 -0.40 -8.34
N ASP A 157 13.37 -1.52 -7.85
CA ASP A 157 12.31 -1.48 -6.83
C ASP A 157 12.76 -0.73 -5.58
N ASP A 158 14.05 -0.77 -5.27
CA ASP A 158 14.62 -0.06 -4.08
C ASP A 158 15.07 1.36 -4.39
N GLY A 159 14.81 1.87 -5.59
CA GLY A 159 15.11 3.27 -5.89
C GLY A 159 16.54 3.51 -6.33
N THR A 160 17.34 2.46 -6.45
CA THR A 160 18.63 2.59 -7.19
C THR A 160 18.36 2.62 -8.69
N TYR A 161 19.34 2.96 -9.51
CA TYR A 161 19.14 2.95 -10.97
C TYR A 161 19.09 1.53 -11.52
N ARG A 162 18.11 1.29 -12.37
CA ARG A 162 18.01 0.04 -13.14
C ARG A 162 19.17 -0.03 -14.14
N THR A 163 19.96 -1.11 -14.09
N THR A 163 19.75 -1.24 -14.22
CA THR A 163 21.06 -1.28 -15.09
CA THR A 163 20.81 -1.54 -15.20
C THR A 163 20.42 -1.55 -16.48
C THR A 163 20.20 -1.45 -16.59
N ASN A 164 20.93 -0.82 -17.47
CA ASN A 164 20.62 -0.94 -18.89
C ASN A 164 21.83 -0.39 -19.59
N ILE A 165 21.94 -0.62 -20.89
CA ILE A 165 23.18 -0.23 -21.59
C ILE A 165 23.41 1.28 -21.51
N PHE A 166 22.35 2.07 -21.43
CA PHE A 166 22.57 3.56 -21.30
C PHE A 166 23.23 3.85 -19.97
N TYR A 167 22.79 3.22 -18.92
CA TYR A 167 23.28 3.50 -17.56
C TYR A 167 24.70 3.00 -17.47
N THR A 168 25.01 1.81 -18.00
CA THR A 168 26.39 1.27 -17.85
C THR A 168 27.37 2.02 -18.76
N THR A 169 26.94 2.62 -19.84
CA THR A 169 27.82 3.28 -20.82
C THR A 169 27.94 4.78 -20.54
N ILE A 170 26.82 5.43 -20.33
CA ILE A 170 26.73 6.91 -20.23
C ILE A 170 26.65 7.27 -18.74
N GLY A 171 26.15 6.38 -17.89
CA GLY A 171 25.85 6.72 -16.50
C GLY A 171 24.55 7.45 -16.44
N GLU A 172 24.24 8.04 -15.25
CA GLU A 172 22.92 8.65 -15.03
C GLU A 172 22.69 9.86 -15.93
N ALA A 173 23.76 10.42 -16.49
CA ALA A 173 23.63 11.53 -17.47
C ALA A 173 22.72 11.20 -18.65
N TYR A 174 22.49 9.92 -18.93
CA TYR A 174 21.63 9.57 -20.06
C TYR A 174 20.25 10.17 -19.88
N ILE A 175 19.85 10.37 -18.60
CA ILE A 175 18.46 10.85 -18.33
C ILE A 175 18.34 12.31 -18.75
N PRO A 176 19.14 13.27 -18.20
CA PRO A 176 19.04 14.64 -18.72
C PRO A 176 19.42 14.79 -20.19
N ILE A 177 20.34 13.97 -20.68
CA ILE A 177 20.67 14.00 -22.13
C ILE A 177 19.40 13.73 -22.92
N ALA A 178 18.64 12.70 -22.52
CA ALA A 178 17.42 12.34 -23.25
C ALA A 178 16.40 13.46 -23.22
N PHE A 179 16.15 14.02 -22.03
CA PHE A 179 15.16 15.12 -21.91
C PHE A 179 15.60 16.33 -22.74
N ALA A 180 16.88 16.69 -22.71
CA ALA A 180 17.35 17.85 -23.51
C ALA A 180 17.18 17.58 -25.00
N ALA A 181 17.43 16.37 -25.48
CA ALA A 181 17.32 16.04 -26.93
C ALA A 181 15.85 16.08 -27.34
N ALA A 182 14.92 15.58 -26.51
CA ALA A 182 13.50 15.65 -26.85
C ALA A 182 13.05 17.12 -26.87
N ALA A 183 13.44 17.91 -25.87
CA ALA A 183 13.03 19.33 -25.77
C ALA A 183 13.48 20.09 -27.02
N ALA A 184 14.68 19.81 -27.51
CA ALA A 184 15.21 20.53 -28.69
C ALA A 184 14.42 20.17 -29.93
N ALA A 185 13.95 18.92 -30.08
CA ALA A 185 13.29 18.45 -31.31
C ALA A 185 11.82 18.84 -31.30
N ASP A 186 11.17 18.97 -30.15
CA ASP A 186 9.74 19.36 -30.08
C ASP A 186 9.52 20.17 -28.82
N PRO A 187 9.77 21.48 -28.83
CA PRO A 187 9.59 22.31 -27.64
C PRO A 187 8.16 22.35 -27.08
N ASP A 188 7.18 21.91 -27.86
CA ASP A 188 5.74 22.00 -27.50
C ASP A 188 5.26 20.75 -26.74
N ALA A 189 5.99 19.63 -26.79
CA ALA A 189 5.56 18.38 -26.12
C ALA A 189 5.91 18.48 -24.65
N LYS A 190 5.01 18.08 -23.76
N LYS A 190 5.00 18.09 -23.78
CA LYS A 190 5.32 17.95 -22.32
CA LYS A 190 5.33 17.95 -22.34
C LYS A 190 6.12 16.67 -22.10
C LYS A 190 6.18 16.68 -22.18
N LEU A 191 7.30 16.83 -21.48
CA LEU A 191 8.27 15.71 -21.34
C LEU A 191 8.07 15.03 -19.99
N PHE A 192 7.75 13.75 -20.04
CA PHE A 192 7.48 12.96 -18.81
C PHE A 192 8.58 11.93 -18.53
N TYR A 193 8.79 11.72 -17.24
CA TYR A 193 9.46 10.54 -16.68
C TYR A 193 8.33 9.60 -16.26
N ASN A 194 8.31 8.34 -16.69
CA ASN A 194 7.19 7.39 -16.45
C ASN A 194 7.69 6.17 -15.69
N ASP A 195 6.96 5.72 -14.66
CA ASP A 195 7.41 4.57 -13.87
C ASP A 195 6.21 3.99 -13.10
N TYR A 196 6.40 2.77 -12.63
CA TYR A 196 5.41 2.04 -11.83
C TYR A 196 5.84 2.01 -10.35
N ASN A 197 4.90 1.69 -9.50
CA ASN A 197 5.05 1.51 -8.06
C ASN A 197 5.43 2.85 -7.40
N LEU A 198 5.33 3.98 -8.03
CA LEU A 198 5.58 5.27 -7.34
C LEU A 198 4.42 5.61 -6.43
N GLU A 199 3.24 4.99 -6.61
CA GLU A 199 2.01 5.39 -5.88
C GLU A 199 2.11 5.07 -4.39
N TYR A 200 3.02 4.16 -4.02
CA TYR A 200 3.26 3.74 -2.61
C TYR A 200 4.10 4.78 -1.88
N GLY A 201 4.70 5.73 -2.58
CA GLY A 201 5.68 6.58 -1.92
C GLY A 201 6.92 5.76 -1.61
N GLY A 202 7.56 6.07 -0.52
CA GLY A 202 8.74 5.32 -0.12
C GLY A 202 9.95 5.54 -1.01
N ALA A 203 10.87 4.58 -0.99
CA ALA A 203 12.17 4.73 -1.65
C ALA A 203 12.02 5.01 -3.14
N LYS A 204 11.12 4.28 -3.83
CA LYS A 204 11.09 4.42 -5.29
C LYS A 204 10.55 5.79 -5.65
N ALA A 205 9.48 6.25 -4.98
CA ALA A 205 8.94 7.59 -5.27
C ALA A 205 10.02 8.64 -4.93
N ALA A 206 10.76 8.46 -3.86
CA ALA A 206 11.80 9.45 -3.50
C ALA A 206 12.84 9.49 -4.61
N SER A 207 13.20 8.35 -5.17
CA SER A 207 14.17 8.32 -6.27
C SER A 207 13.61 8.93 -7.55
N ALA A 208 12.32 8.79 -7.81
CA ALA A 208 11.69 9.47 -8.94
C ALA A 208 11.79 10.99 -8.76
N ARG A 209 11.52 11.48 -7.55
CA ARG A 209 11.66 12.93 -7.27
C ARG A 209 13.13 13.31 -7.44
N ALA A 210 14.08 12.47 -7.08
CA ALA A 210 15.52 12.78 -7.29
C ALA A 210 15.80 12.86 -8.78
N ILE A 211 15.19 12.00 -9.61
CA ILE A 211 15.39 12.12 -11.08
C ILE A 211 14.87 13.45 -11.57
N VAL A 212 13.73 13.92 -11.11
CA VAL A 212 13.22 15.27 -11.49
C VAL A 212 14.32 16.29 -11.14
N GLN A 213 14.86 16.22 -9.94
CA GLN A 213 15.86 17.25 -9.50
C GLN A 213 17.15 17.09 -10.29
N LEU A 214 17.54 15.89 -10.67
CA LEU A 214 18.73 15.67 -11.52
C LEU A 214 18.54 16.42 -12.84
N VAL A 215 17.38 16.31 -13.45
CA VAL A 215 17.12 16.92 -14.77
C VAL A 215 17.13 18.45 -14.57
N LYS A 216 16.49 18.94 -13.51
CA LYS A 216 16.52 20.40 -13.24
C LYS A 216 17.95 20.87 -12.97
N ASN A 217 18.71 20.12 -12.19
CA ASN A 217 20.10 20.46 -11.86
C ASN A 217 20.91 20.55 -13.15
N ALA A 218 20.64 19.71 -14.13
CA ALA A 218 21.39 19.69 -15.39
C ALA A 218 20.93 20.82 -16.31
N GLY A 219 19.88 21.54 -16.00
CA GLY A 219 19.35 22.64 -16.80
C GLY A 219 18.49 22.16 -17.94
N ALA A 220 18.03 20.91 -17.89
CA ALA A 220 17.20 20.32 -18.95
C ALA A 220 15.72 20.43 -18.57
N LYS A 221 14.86 20.33 -19.57
N LYS A 221 14.86 20.25 -19.56
CA LYS A 221 13.39 20.43 -19.39
CA LYS A 221 13.40 20.40 -19.45
C LYS A 221 12.80 19.08 -18.95
C LYS A 221 12.73 19.09 -19.01
N ILE A 222 11.94 19.14 -17.94
CA ILE A 222 11.07 18.04 -17.52
C ILE A 222 9.75 18.67 -17.09
N ASP A 223 8.65 18.18 -17.64
CA ASP A 223 7.32 18.76 -17.41
C ASP A 223 6.39 17.85 -16.58
N GLY A 224 6.67 16.55 -16.49
CA GLY A 224 5.68 15.65 -15.88
C GLY A 224 6.31 14.40 -15.33
N VAL A 225 5.58 13.80 -14.37
CA VAL A 225 5.85 12.42 -13.92
C VAL A 225 4.61 11.60 -14.20
N GLY A 226 4.80 10.47 -14.89
CA GLY A 226 3.76 9.49 -15.18
C GLY A 226 3.79 8.37 -14.19
N LEU A 227 2.68 8.19 -13.50
CA LEU A 227 2.50 7.10 -12.54
C LEU A 227 1.70 6.02 -13.24
N GLN A 228 2.32 4.91 -13.55
CA GLN A 228 1.69 3.92 -14.44
C GLN A 228 0.41 3.33 -13.84
N ALA A 229 0.34 3.16 -12.53
CA ALA A 229 -0.86 2.61 -11.87
C ALA A 229 -1.15 1.19 -12.35
N HIS A 230 -0.12 0.36 -12.52
CA HIS A 230 -0.29 -1.09 -12.60
C HIS A 230 -0.41 -1.59 -11.17
N PHE A 231 -1.56 -2.10 -10.80
CA PHE A 231 -1.78 -2.63 -9.46
C PHE A 231 -2.33 -4.05 -9.49
N SER A 232 -2.12 -4.82 -8.44
CA SER A 232 -2.96 -6.01 -8.17
C SER A 232 -4.14 -5.57 -7.31
N VAL A 233 -5.31 -6.17 -7.53
CA VAL A 233 -6.53 -5.78 -6.80
C VAL A 233 -6.27 -5.83 -5.28
N GLY A 234 -6.82 -4.82 -4.60
CA GLY A 234 -6.76 -4.76 -3.14
C GLY A 234 -5.45 -4.17 -2.66
N THR A 235 -4.57 -3.72 -3.53
CA THR A 235 -3.28 -3.11 -3.07
C THR A 235 -3.23 -1.61 -3.35
N VAL A 236 -4.35 -1.00 -3.73
CA VAL A 236 -4.43 0.44 -3.92
C VAL A 236 -4.69 1.11 -2.58
N PRO A 237 -3.86 2.11 -2.20
CA PRO A 237 -4.13 2.80 -0.95
C PRO A 237 -5.33 3.72 -1.03
N SER A 238 -5.61 4.42 0.06
CA SER A 238 -6.76 5.33 0.11
C SER A 238 -6.57 6.48 -0.88
N THR A 239 -7.69 7.09 -1.26
N THR A 239 -7.69 7.12 -1.26
CA THR A 239 -7.67 8.25 -2.17
CA THR A 239 -7.65 8.28 -2.17
C THR A 239 -6.78 9.37 -1.57
C THR A 239 -6.77 9.37 -1.57
N SER A 240 -6.91 9.64 -0.27
CA SER A 240 -6.12 10.73 0.33
C SER A 240 -4.61 10.40 0.31
N SER A 241 -4.26 9.13 0.51
CA SER A 241 -2.85 8.67 0.41
C SER A 241 -2.33 8.94 -1.00
N LEU A 242 -3.12 8.58 -2.01
CA LEU A 242 -2.72 8.83 -3.41
C LEU A 242 -2.57 10.33 -3.68
N VAL A 243 -3.52 11.13 -3.22
CA VAL A 243 -3.40 12.60 -3.40
C VAL A 243 -2.08 13.10 -2.83
N SER A 244 -1.73 12.65 -1.63
N SER A 244 -1.70 12.66 -1.63
CA SER A 244 -0.49 13.09 -0.96
CA SER A 244 -0.46 13.16 -1.00
C SER A 244 0.71 12.76 -1.86
C SER A 244 0.76 12.75 -1.84
N VAL A 245 0.76 11.54 -2.41
CA VAL A 245 1.90 11.15 -3.28
C VAL A 245 1.89 12.00 -4.54
N LEU A 246 0.74 12.22 -5.17
CA LEU A 246 0.70 13.04 -6.41
C LEU A 246 1.24 14.45 -6.07
N GLN A 247 0.80 14.98 -4.94
CA GLN A 247 1.21 16.35 -4.50
C GLN A 247 2.70 16.42 -4.24
N SER A 248 3.35 15.32 -3.87
CA SER A 248 4.80 15.30 -3.64
C SER A 248 5.56 15.56 -4.94
N PHE A 249 4.93 15.24 -6.08
CA PHE A 249 5.50 15.50 -7.42
C PHE A 249 5.07 16.88 -7.89
N THR A 250 3.79 17.24 -7.75
CA THR A 250 3.35 18.57 -8.25
C THR A 250 4.08 19.66 -7.47
N ALA A 251 4.50 19.41 -6.24
CA ALA A 251 5.29 20.39 -5.45
C ALA A 251 6.59 20.77 -6.18
N LEU A 252 7.14 19.92 -7.05
CA LEU A 252 8.38 20.14 -7.78
C LEU A 252 8.11 21.00 -9.02
N GLY A 253 6.86 21.31 -9.31
CA GLY A 253 6.56 22.14 -10.49
C GLY A 253 6.33 21.29 -11.73
N VAL A 254 6.19 19.98 -11.58
CA VAL A 254 5.77 19.11 -12.72
C VAL A 254 4.29 18.79 -12.63
N GLU A 255 3.68 18.51 -13.78
CA GLU A 255 2.37 17.86 -13.87
C GLU A 255 2.54 16.37 -13.54
N VAL A 256 1.45 15.74 -13.20
CA VAL A 256 1.38 14.26 -13.07
C VAL A 256 0.22 13.74 -13.89
N ALA A 257 0.24 12.47 -14.20
CA ALA A 257 -0.90 11.76 -14.83
C ALA A 257 -0.76 10.31 -14.47
N TYR A 258 -1.87 9.61 -14.44
CA TYR A 258 -1.88 8.16 -14.35
C TYR A 258 -1.84 7.65 -15.77
N THR A 259 -0.84 6.86 -16.15
CA THR A 259 -0.51 6.61 -17.57
C THR A 259 -0.86 5.22 -18.07
N GLU A 260 -0.94 4.21 -17.23
CA GLU A 260 -1.09 2.81 -17.68
C GLU A 260 -2.00 1.99 -16.75
N ALA A 261 -3.09 2.58 -16.29
CA ALA A 261 -3.77 2.00 -15.14
C ALA A 261 -4.40 0.68 -15.49
N ASP A 262 -4.24 -0.30 -14.63
CA ASP A 262 -5.00 -1.55 -14.68
C ASP A 262 -4.96 -2.15 -13.28
N VAL A 263 -5.90 -3.04 -12.96
CA VAL A 263 -6.07 -3.60 -11.60
C VAL A 263 -6.28 -5.08 -11.78
N ARG A 264 -5.22 -5.86 -11.72
CA ARG A 264 -5.21 -7.29 -12.09
C ARG A 264 -5.77 -8.13 -10.96
N ILE A 265 -6.50 -9.19 -11.33
CA ILE A 265 -7.16 -10.14 -10.41
C ILE A 265 -6.55 -11.53 -10.59
N LEU A 266 -6.25 -12.24 -9.53
CA LEU A 266 -5.83 -13.64 -9.59
C LEU A 266 -7.05 -14.48 -10.02
N LEU A 267 -7.00 -15.07 -11.22
CA LEU A 267 -8.20 -15.71 -11.80
C LEU A 267 -8.50 -17.00 -11.04
N PRO A 268 -9.81 -17.38 -10.96
CA PRO A 268 -10.90 -16.64 -11.57
C PRO A 268 -11.40 -15.44 -10.74
N THR A 269 -12.08 -14.53 -11.39
CA THR A 269 -12.77 -13.39 -10.76
C THR A 269 -13.92 -13.90 -9.89
N THR A 270 -14.27 -13.09 -8.90
CA THR A 270 -15.48 -13.31 -8.08
C THR A 270 -16.19 -11.97 -8.03
N ALA A 271 -17.45 -11.94 -7.57
CA ALA A 271 -18.12 -10.64 -7.38
C ALA A 271 -17.28 -9.76 -6.43
N THR A 272 -16.68 -10.38 -5.43
CA THR A 272 -15.90 -9.65 -4.41
C THR A 272 -14.69 -8.97 -5.08
N THR A 273 -13.92 -9.70 -5.90
CA THR A 273 -12.73 -9.06 -6.53
C THR A 273 -13.15 -8.10 -7.63
N LEU A 274 -14.29 -8.28 -8.35
CA LEU A 274 -14.77 -7.26 -9.30
C LEU A 274 -15.20 -5.98 -8.59
N ALA A 275 -15.78 -6.13 -7.39
CA ALA A 275 -16.17 -4.93 -6.60
C ALA A 275 -14.93 -4.20 -6.05
N GLN A 276 -13.98 -4.98 -5.58
CA GLN A 276 -12.72 -4.36 -5.08
C GLN A 276 -12.01 -3.67 -6.25
N GLN A 277 -12.02 -4.30 -7.43
CA GLN A 277 -11.40 -3.66 -8.61
C GLN A 277 -12.06 -2.33 -8.90
N SER A 278 -13.40 -2.27 -8.86
CA SER A 278 -14.15 -1.02 -9.07
C SER A 278 -13.72 0.05 -8.06
N SER A 279 -13.68 -0.31 -6.77
N SER A 279 -13.67 -0.34 -6.77
CA SER A 279 -13.26 0.64 -5.69
CA SER A 279 -13.25 0.57 -5.66
C SER A 279 -11.83 1.13 -5.96
C SER A 279 -11.84 1.11 -5.93
N ASP A 280 -10.94 0.24 -6.39
CA ASP A 280 -9.54 0.59 -6.64
C ASP A 280 -9.41 1.58 -7.79
N PHE A 281 -10.09 1.32 -8.92
CA PHE A 281 -10.12 2.29 -10.03
C PHE A 281 -10.74 3.63 -9.58
N GLN A 282 -11.82 3.55 -8.78
CA GLN A 282 -12.55 4.74 -8.34
C GLN A 282 -11.60 5.62 -7.53
N ALA A 283 -10.82 5.02 -6.61
CA ALA A 283 -9.87 5.79 -5.80
C ALA A 283 -8.79 6.47 -6.64
N LEU A 284 -8.26 5.71 -7.61
CA LEU A 284 -7.23 6.25 -8.50
C LEU A 284 -7.75 7.45 -9.27
N VAL A 285 -8.90 7.33 -9.91
CA VAL A 285 -9.32 8.51 -10.71
C VAL A 285 -9.76 9.66 -9.81
N GLN A 286 -10.32 9.41 -8.63
N GLN A 286 -10.34 9.33 -8.65
CA GLN A 286 -10.69 10.54 -7.77
CA GLN A 286 -10.75 10.34 -7.65
C GLN A 286 -9.42 11.24 -7.28
C GLN A 286 -9.50 11.15 -7.25
N SER A 287 -8.35 10.48 -7.01
CA SER A 287 -7.11 11.16 -6.60
C SER A 287 -6.64 12.14 -7.69
N CYS A 288 -6.80 11.76 -8.95
CA CYS A 288 -6.41 12.66 -10.06
C CYS A 288 -7.37 13.87 -10.12
N VAL A 289 -8.64 13.61 -9.98
CA VAL A 289 -9.63 14.73 -9.91
C VAL A 289 -9.27 15.72 -8.80
N GLN A 290 -8.90 15.22 -7.62
N GLN A 290 -8.87 15.19 -7.64
CA GLN A 290 -8.66 16.12 -6.47
CA GLN A 290 -8.68 16.04 -6.43
C GLN A 290 -7.38 16.93 -6.62
C GLN A 290 -7.29 16.69 -6.39
N THR A 291 -6.39 16.38 -7.31
CA THR A 291 -5.02 16.95 -7.30
C THR A 291 -4.86 17.98 -8.42
N THR A 292 -4.53 19.21 -8.03
CA THR A 292 -4.20 20.28 -8.99
C THR A 292 -2.89 19.89 -9.67
N GLY A 293 -2.93 19.82 -10.97
CA GLY A 293 -1.69 19.42 -11.66
C GLY A 293 -1.69 17.97 -12.07
N CYS A 294 -2.64 17.16 -11.63
CA CYS A 294 -2.90 15.83 -12.24
C CYS A 294 -3.80 16.09 -13.43
N VAL A 295 -3.30 15.79 -14.61
CA VAL A 295 -3.94 16.30 -15.85
C VAL A 295 -4.75 15.25 -16.55
N GLY A 296 -4.66 13.99 -16.22
CA GLY A 296 -5.42 12.99 -16.95
C GLY A 296 -5.15 11.58 -16.53
N PHE A 297 -5.91 10.68 -17.10
CA PHE A 297 -5.98 9.28 -16.68
C PHE A 297 -6.04 8.41 -17.92
N THR A 298 -5.13 7.49 -18.05
CA THR A 298 -5.05 6.53 -19.16
C THR A 298 -5.09 5.12 -18.62
N ILE A 299 -5.92 4.25 -19.17
CA ILE A 299 -5.95 2.81 -18.87
C ILE A 299 -5.12 2.03 -19.89
N TRP A 300 -4.47 0.96 -19.48
CA TRP A 300 -3.57 0.21 -20.38
C TRP A 300 -4.37 -0.76 -21.24
N ASP A 301 -4.92 -0.17 -22.31
CA ASP A 301 -6.03 -0.71 -23.13
C ASP A 301 -7.29 -0.66 -22.27
N TRP A 302 -8.42 -1.06 -22.86
CA TRP A 302 -9.72 -0.83 -22.20
C TRP A 302 -10.53 -2.12 -22.04
N THR A 303 -10.22 -3.18 -22.77
CA THR A 303 -10.90 -4.46 -22.68
C THR A 303 -9.95 -5.58 -22.32
N ASP A 304 -10.39 -6.44 -21.43
CA ASP A 304 -9.69 -7.67 -21.00
C ASP A 304 -9.24 -8.50 -22.22
N LYS A 305 -9.96 -8.39 -23.33
CA LYS A 305 -9.61 -9.17 -24.55
C LYS A 305 -8.15 -8.89 -24.96
N TYR A 306 -7.65 -7.67 -24.74
CA TYR A 306 -6.34 -7.23 -25.31
C TYR A 306 -5.38 -6.78 -24.21
N SER A 307 -5.68 -7.10 -22.96
CA SER A 307 -4.81 -6.71 -21.83
C SER A 307 -3.48 -7.46 -21.89
N TRP A 308 -2.39 -6.74 -21.57
CA TRP A 308 -1.06 -7.36 -21.40
C TRP A 308 -0.94 -8.24 -20.17
N VAL A 309 -1.93 -8.21 -19.27
CA VAL A 309 -1.69 -8.77 -17.93
C VAL A 309 -1.45 -10.27 -17.99
N PRO A 310 -2.32 -11.11 -18.65
CA PRO A 310 -2.06 -12.54 -18.57
C PRO A 310 -0.69 -13.02 -19.08
N SER A 311 -0.16 -12.32 -20.08
CA SER A 311 1.15 -12.68 -20.64
C SER A 311 2.32 -12.14 -19.83
N THR A 312 2.01 -11.36 -18.77
CA THR A 312 3.05 -10.74 -17.90
C THR A 312 3.00 -11.23 -16.46
N PHE A 313 1.82 -11.33 -15.88
CA PHE A 313 1.63 -11.63 -14.45
C PHE A 313 0.94 -12.99 -14.37
N SER A 314 1.69 -14.06 -14.17
CA SER A 314 1.16 -15.43 -14.43
C SER A 314 -0.06 -15.68 -13.55
N GLY A 315 -1.18 -16.08 -14.16
CA GLY A 315 -2.37 -16.44 -13.36
C GLY A 315 -3.29 -15.28 -13.12
N TYR A 316 -2.89 -14.05 -13.49
CA TYR A 316 -3.71 -12.86 -13.33
C TYR A 316 -4.41 -12.50 -14.62
N GLY A 317 -5.43 -11.70 -14.49
CA GLY A 317 -6.14 -11.17 -15.63
C GLY A 317 -7.29 -10.30 -15.25
N ALA A 318 -8.26 -10.19 -16.13
CA ALA A 318 -9.48 -9.42 -15.95
C ALA A 318 -9.18 -8.06 -15.30
N ALA A 319 -8.22 -7.33 -15.83
CA ALA A 319 -7.67 -6.12 -15.17
C ALA A 319 -8.31 -4.82 -15.56
N LEU A 320 -9.26 -4.79 -16.54
CA LEU A 320 -9.73 -3.56 -17.17
C LEU A 320 -11.23 -3.34 -17.00
N PRO A 321 -11.73 -2.16 -17.41
CA PRO A 321 -13.15 -1.80 -17.12
C PRO A 321 -14.16 -2.42 -18.08
N TRP A 322 -13.72 -3.04 -19.18
CA TRP A 322 -14.61 -3.81 -20.09
C TRP A 322 -14.07 -5.22 -20.15
N ASP A 323 -14.95 -6.21 -20.25
CA ASP A 323 -14.59 -7.63 -20.33
C ASP A 323 -14.19 -8.01 -21.76
N GLU A 324 -13.87 -9.27 -21.92
CA GLU A 324 -13.35 -9.81 -23.21
C GLU A 324 -14.44 -9.80 -24.27
N ASN A 325 -15.71 -9.60 -23.91
CA ASN A 325 -16.81 -9.43 -24.92
C ASN A 325 -17.13 -7.97 -25.15
N LEU A 326 -16.30 -7.01 -24.68
CA LEU A 326 -16.47 -5.56 -24.85
C LEU A 326 -17.71 -5.07 -24.08
N VAL A 327 -18.02 -5.76 -22.99
CA VAL A 327 -19.16 -5.42 -22.11
C VAL A 327 -18.59 -4.82 -20.80
N LYS A 328 -19.15 -3.71 -20.40
CA LYS A 328 -18.76 -3.00 -19.16
C LYS A 328 -18.80 -3.91 -17.95
N LYS A 329 -17.77 -3.76 -17.12
CA LYS A 329 -17.65 -4.40 -15.80
C LYS A 329 -18.00 -3.35 -14.74
N PRO A 330 -18.11 -3.79 -13.46
CA PRO A 330 -18.39 -2.83 -12.39
C PRO A 330 -17.41 -1.67 -12.37
N ALA A 331 -16.14 -1.95 -12.71
CA ALA A 331 -15.15 -0.85 -12.70
C ALA A 331 -15.46 0.32 -13.63
N TYR A 332 -16.25 0.14 -14.71
CA TYR A 332 -16.65 1.29 -15.53
C TYR A 332 -17.44 2.29 -14.68
N ASN A 333 -18.42 1.80 -13.92
CA ASN A 333 -19.21 2.67 -13.02
C ASN A 333 -18.35 3.17 -11.85
N GLY A 334 -17.37 2.39 -11.39
CA GLY A 334 -16.45 2.91 -10.36
C GLY A 334 -15.68 4.12 -10.84
N LEU A 335 -15.21 4.08 -12.10
CA LEU A 335 -14.49 5.23 -12.69
C LEU A 335 -15.41 6.44 -12.78
N LEU A 336 -16.64 6.21 -13.28
CA LEU A 336 -17.62 7.34 -13.32
C LEU A 336 -17.88 7.90 -11.91
N ALA A 337 -18.02 7.04 -10.90
CA ALA A 337 -18.28 7.48 -9.51
C ALA A 337 -17.07 8.28 -9.01
N GLY A 338 -15.86 7.86 -9.39
CA GLY A 338 -14.65 8.61 -8.98
C GLY A 338 -14.52 9.97 -9.63
N MET A 339 -15.31 10.22 -10.70
CA MET A 339 -15.38 11.50 -11.39
C MET A 339 -16.72 12.18 -11.09
N GLY A 340 -17.37 11.80 -10.01
CA GLY A 340 -18.53 12.56 -9.47
C GLY A 340 -19.80 12.28 -10.25
N VAL A 341 -19.85 11.21 -11.02
CA VAL A 341 -21.08 10.93 -11.79
C VAL A 341 -21.96 9.99 -10.98
N THR A 342 -23.26 10.30 -10.92
N THR A 342 -23.25 10.30 -10.87
CA THR A 342 -24.33 9.48 -10.30
CA THR A 342 -24.27 9.43 -10.21
C THR A 342 -24.61 8.28 -11.22
C THR A 342 -24.62 8.28 -11.18
N VAL A 343 -24.37 7.04 -10.75
CA VAL A 343 -24.54 5.78 -11.54
C VAL A 343 -25.82 5.07 -11.07
N VAL B 23 -14.81 -25.55 29.81
CA VAL B 23 -13.96 -25.09 28.68
C VAL B 23 -13.61 -23.62 28.91
N GLY B 24 -12.32 -23.30 28.85
CA GLY B 24 -11.85 -21.89 28.94
C GLY B 24 -11.67 -21.33 27.54
N LEU B 25 -11.41 -20.04 27.49
CA LEU B 25 -11.36 -19.31 26.20
C LEU B 25 -10.27 -19.88 25.30
N ASP B 26 -9.05 -20.08 25.81
CA ASP B 26 -7.95 -20.59 24.99
C ASP B 26 -8.25 -22.04 24.54
N GLN B 27 -8.82 -22.85 25.43
CA GLN B 27 -9.13 -24.25 25.02
C GLN B 27 -10.13 -24.23 23.86
N ALA B 28 -11.14 -23.36 23.95
CA ALA B 28 -12.18 -23.18 22.92
C ALA B 28 -11.52 -22.70 21.62
N ALA B 29 -10.58 -21.78 21.74
CA ALA B 29 -9.93 -21.23 20.53
C ALA B 29 -9.13 -22.31 19.80
N VAL B 30 -8.31 -23.04 20.54
CA VAL B 30 -7.43 -24.07 19.94
C VAL B 30 -8.32 -25.18 19.34
N ALA B 31 -9.43 -25.50 19.97
CA ALA B 31 -10.37 -26.50 19.42
C ALA B 31 -10.94 -26.06 18.06
N LYS B 32 -11.04 -24.75 17.82
CA LYS B 32 -11.50 -24.19 16.52
C LYS B 32 -10.35 -23.82 15.59
N GLY B 33 -9.11 -24.20 15.90
CA GLY B 33 -8.00 -24.07 14.95
C GLY B 33 -7.22 -22.74 15.10
N LEU B 34 -7.60 -21.90 16.06
CA LEU B 34 -6.80 -20.71 16.41
C LEU B 34 -5.55 -21.16 17.19
N GLN B 35 -4.49 -20.36 17.14
N GLN B 35 -4.47 -20.37 17.12
CA GLN B 35 -3.25 -20.67 17.87
CA GLN B 35 -3.24 -20.65 17.89
C GLN B 35 -3.40 -20.31 19.35
C GLN B 35 -3.46 -20.36 19.39
N TYR B 36 -4.25 -19.34 19.72
CA TYR B 36 -4.40 -18.87 21.10
C TYR B 36 -5.59 -17.93 21.23
N PHE B 37 -6.06 -17.86 22.47
CA PHE B 37 -6.80 -16.73 23.05
C PHE B 37 -5.91 -16.15 24.12
N GLY B 38 -5.72 -14.86 24.13
CA GLY B 38 -4.80 -14.25 25.10
C GLY B 38 -5.21 -12.88 25.58
N THR B 39 -4.36 -12.27 26.34
CA THR B 39 -4.61 -10.98 26.98
C THR B 39 -3.34 -10.16 27.14
N ALA B 40 -3.49 -8.86 27.10
CA ALA B 40 -2.46 -7.91 27.53
C ALA B 40 -2.45 -7.85 29.04
N THR B 41 -1.36 -7.35 29.57
CA THR B 41 -1.23 -7.10 31.02
C THR B 41 -0.23 -5.98 31.18
N ASP B 42 0.08 -5.58 32.40
CA ASP B 42 1.12 -4.58 32.63
C ASP B 42 1.74 -4.81 34.01
N ASN B 43 3.00 -4.42 34.18
CA ASN B 43 3.79 -4.76 35.39
C ASN B 43 3.08 -4.31 36.69
N PRO B 44 2.49 -3.11 36.82
CA PRO B 44 1.92 -2.75 38.14
C PRO B 44 0.78 -3.68 38.56
N GLU B 45 0.14 -4.36 37.62
CA GLU B 45 -0.99 -5.27 37.90
C GLU B 45 -0.52 -6.57 38.54
N LEU B 46 0.79 -6.84 38.45
CA LEU B 46 1.32 -8.12 38.95
C LEU B 46 1.42 -8.08 40.47
N THR B 47 1.16 -6.96 41.12
CA THR B 47 1.06 -6.90 42.60
C THR B 47 -0.34 -7.23 43.10
N ASP B 48 -1.28 -7.48 42.19
CA ASP B 48 -2.65 -7.78 42.53
C ASP B 48 -2.75 -9.28 42.40
N ILE B 49 -2.57 -10.00 43.53
CA ILE B 49 -2.42 -11.46 43.38
C ILE B 49 -3.66 -12.17 42.86
N PRO B 50 -4.90 -11.83 43.29
CA PRO B 50 -6.10 -12.40 42.62
C PRO B 50 -6.20 -12.17 41.11
N TYR B 51 -5.69 -11.02 40.69
CA TYR B 51 -5.56 -10.72 39.24
C TYR B 51 -4.57 -11.71 38.58
N VAL B 52 -3.40 -11.89 39.21
CA VAL B 52 -2.38 -12.77 38.61
C VAL B 52 -2.84 -14.22 38.61
N THR B 53 -3.56 -14.65 39.67
CA THR B 53 -4.15 -16.01 39.66
C THR B 53 -4.86 -16.30 38.33
N GLN B 54 -5.69 -15.35 37.87
CA GLN B 54 -6.45 -15.52 36.59
C GLN B 54 -5.60 -15.21 35.34
N LEU B 55 -4.68 -14.25 35.40
CA LEU B 55 -3.73 -14.04 34.30
C LEU B 55 -2.99 -15.35 33.99
N ASN B 56 -2.73 -16.14 35.06
CA ASN B 56 -1.96 -17.41 34.97
C ASN B 56 -2.85 -18.60 34.63
N ASN B 57 -4.16 -18.37 34.41
CA ASN B 57 -5.13 -19.44 34.11
C ASN B 57 -5.00 -19.78 32.63
N THR B 58 -4.20 -20.75 32.27
CA THR B 58 -3.90 -21.11 30.88
C THR B 58 -5.09 -21.81 30.19
N ALA B 59 -6.15 -22.17 30.91
CA ALA B 59 -7.38 -22.65 30.25
C ALA B 59 -8.04 -21.47 29.51
N ASP B 60 -7.88 -20.26 30.06
CA ASP B 60 -8.45 -19.02 29.46
C ASP B 60 -7.41 -18.33 28.58
N PHE B 61 -6.15 -18.20 29.03
CA PHE B 61 -5.15 -17.32 28.38
C PHE B 61 -3.95 -18.18 27.95
N GLY B 62 -3.79 -18.38 26.67
CA GLY B 62 -2.65 -19.08 26.06
C GLY B 62 -1.58 -18.13 25.54
N GLN B 63 -1.75 -16.83 25.76
CA GLN B 63 -0.90 -15.80 25.12
C GLN B 63 -0.99 -14.53 25.98
N ILE B 64 0.14 -13.81 26.04
CA ILE B 64 0.31 -12.57 26.81
C ILE B 64 0.93 -11.50 25.90
N THR B 65 0.47 -10.26 26.03
CA THR B 65 1.12 -9.07 25.44
C THR B 65 1.55 -8.13 26.56
N PRO B 66 2.82 -7.68 26.63
CA PRO B 66 3.19 -6.61 27.52
C PRO B 66 2.58 -5.27 27.08
N GLY B 67 1.73 -4.67 27.89
CA GLY B 67 0.99 -3.48 27.47
C GLY B 67 1.89 -2.28 27.34
N ASN B 68 2.98 -2.19 28.10
CA ASN B 68 3.80 -0.97 28.07
C ASN B 68 5.30 -1.22 28.11
N SER B 69 5.75 -2.29 28.74
CA SER B 69 7.16 -2.39 29.16
C SER B 69 8.12 -2.89 28.07
N MET B 70 7.66 -3.07 26.82
CA MET B 70 8.58 -3.27 25.68
C MET B 70 8.55 -2.08 24.72
N LYS B 71 7.86 -1.02 25.08
CA LYS B 71 7.83 0.21 24.24
C LYS B 71 9.15 0.99 24.32
N TRP B 72 9.33 1.93 23.42
CA TRP B 72 10.64 2.58 23.26
C TRP B 72 11.02 3.40 24.51
N ASP B 73 10.05 4.12 25.09
CA ASP B 73 10.36 4.94 26.29
C ASP B 73 10.78 4.03 27.44
N ALA B 74 10.31 2.79 27.51
CA ALA B 74 10.65 1.85 28.61
C ALA B 74 11.97 1.14 28.34
N THR B 75 12.29 0.87 27.08
CA THR B 75 13.44 0.01 26.73
C THR B 75 14.70 0.80 26.39
N GLU B 76 14.59 2.01 25.86
CA GLU B 76 15.77 2.81 25.45
C GLU B 76 15.54 4.22 25.96
N PRO B 77 15.58 4.44 27.28
CA PRO B 77 15.27 5.74 27.85
C PRO B 77 16.30 6.83 27.58
N SER B 78 17.51 6.46 27.24
CA SER B 78 18.54 7.37 26.71
C SER B 78 19.19 6.69 25.52
N GLN B 79 19.64 7.49 24.56
CA GLN B 79 20.13 6.93 23.30
C GLN B 79 21.25 5.92 23.57
N GLY B 80 21.11 4.69 23.14
CA GLY B 80 22.10 3.61 23.26
C GLY B 80 22.16 2.96 24.64
N THR B 81 21.25 3.30 25.55
CA THR B 81 21.14 2.71 26.90
C THR B 81 19.83 1.90 26.93
N PHE B 82 19.95 0.61 27.08
CA PHE B 82 18.77 -0.32 27.05
C PHE B 82 18.46 -0.83 28.47
N THR B 83 17.17 -0.87 28.78
CA THR B 83 16.67 -1.33 30.09
C THR B 83 15.55 -2.32 29.83
N PHE B 84 15.70 -3.57 30.19
CA PHE B 84 14.70 -4.63 29.88
C PHE B 84 14.02 -5.22 31.12
N THR B 85 14.29 -4.73 32.32
CA THR B 85 13.84 -5.45 33.54
C THR B 85 12.33 -5.69 33.50
N LYS B 86 11.56 -4.64 33.23
CA LYS B 86 10.09 -4.78 33.32
C LYS B 86 9.53 -5.61 32.14
N GLY B 87 10.10 -5.46 30.94
CA GLY B 87 9.66 -6.33 29.85
C GLY B 87 9.96 -7.78 30.13
N ASP B 88 11.13 -7.99 30.73
CA ASP B 88 11.59 -9.36 31.03
C ASP B 88 10.72 -10.04 32.08
N VAL B 89 10.15 -9.27 33.02
CA VAL B 89 9.21 -9.86 33.98
C VAL B 89 8.00 -10.42 33.23
N ILE B 90 7.46 -9.67 32.26
CA ILE B 90 6.29 -10.19 31.51
C ILE B 90 6.67 -11.35 30.62
N ALA B 91 7.80 -11.25 29.94
CA ALA B 91 8.27 -12.33 29.06
C ALA B 91 8.48 -13.62 29.87
N ASP B 92 9.10 -13.51 31.03
CA ASP B 92 9.41 -14.66 31.90
C ASP B 92 8.11 -15.24 32.48
N LEU B 93 7.12 -14.39 32.82
CA LEU B 93 5.81 -14.91 33.25
C LEU B 93 5.19 -15.77 32.13
N ALA B 94 5.17 -15.26 30.88
CA ALA B 94 4.61 -16.06 29.76
C ALA B 94 5.37 -17.39 29.65
N GLU B 95 6.69 -17.32 29.62
CA GLU B 95 7.50 -18.56 29.46
C GLU B 95 7.30 -19.51 30.65
N GLY B 96 7.24 -18.99 31.86
CA GLY B 96 6.97 -19.82 33.04
C GLY B 96 5.65 -20.56 32.95
N ASN B 97 4.64 -19.91 32.35
CA ASN B 97 3.30 -20.50 32.19
C ASN B 97 3.11 -21.31 30.91
N GLY B 98 4.04 -21.30 29.98
CA GLY B 98 3.86 -21.89 28.65
C GLY B 98 2.90 -21.09 27.76
N GLN B 99 2.75 -19.80 28.02
CA GLN B 99 1.95 -18.91 27.16
C GLN B 99 2.83 -18.33 26.06
N TYR B 100 2.26 -18.18 24.88
CA TYR B 100 2.91 -17.42 23.80
C TYR B 100 3.02 -15.96 24.19
N LEU B 101 4.01 -15.27 23.62
CA LEU B 101 4.25 -13.86 23.87
C LEU B 101 4.10 -13.12 22.55
N ARG B 102 3.26 -12.07 22.54
CA ARG B 102 3.27 -11.11 21.43
C ARG B 102 4.05 -9.90 21.95
N CYS B 103 5.17 -9.63 21.30
CA CYS B 103 6.04 -8.53 21.67
C CYS B 103 5.55 -7.25 21.03
N HIS B 104 5.51 -6.17 21.80
CA HIS B 104 4.74 -4.95 21.46
C HIS B 104 5.42 -3.77 22.08
N THR B 105 5.81 -2.72 21.37
CA THR B 105 5.81 -2.53 19.93
C THR B 105 7.06 -1.73 19.62
N LEU B 106 7.66 -1.90 18.46
CA LEU B 106 8.97 -1.28 18.15
C LEU B 106 8.86 0.18 17.73
N VAL B 107 7.95 0.52 16.81
CA VAL B 107 7.93 1.84 16.13
C VAL B 107 6.50 2.35 16.22
N TRP B 108 6.33 3.50 16.86
CA TRP B 108 5.00 4.08 17.13
C TRP B 108 5.22 5.55 17.45
N TYR B 109 4.25 6.41 17.13
CA TYR B 109 4.35 7.85 17.45
C TYR B 109 4.28 8.08 18.95
N ASN B 110 3.64 7.20 19.69
CA ASN B 110 3.33 7.38 21.12
C ASN B 110 4.37 6.65 21.95
N GLN B 111 4.59 7.16 23.17
CA GLN B 111 5.51 6.52 24.15
C GLN B 111 6.91 6.45 23.58
N LEU B 112 7.32 7.48 22.85
CA LEU B 112 8.72 7.70 22.49
C LEU B 112 9.37 8.56 23.57
N PRO B 113 10.65 8.32 23.88
CA PRO B 113 11.36 9.22 24.79
C PRO B 113 11.71 10.53 24.10
N SER B 114 11.89 11.59 24.90
CA SER B 114 12.15 12.96 24.38
C SER B 114 13.42 13.01 23.52
N TRP B 115 14.42 12.19 23.79
CA TRP B 115 15.66 12.19 22.98
C TRP B 115 15.34 11.82 21.53
N VAL B 116 14.28 11.03 21.29
CA VAL B 116 13.81 10.82 19.91
C VAL B 116 13.00 12.01 19.40
N THR B 117 11.94 12.37 20.10
CA THR B 117 10.98 13.35 19.54
C THR B 117 11.58 14.77 19.46
N SER B 118 12.49 15.10 20.38
CA SER B 118 13.18 16.41 20.42
C SER B 118 14.60 16.30 19.88
N GLY B 119 15.01 15.16 19.32
CA GLY B 119 16.36 15.01 18.77
C GLY B 119 16.55 15.87 17.53
N THR B 120 17.82 16.03 17.16
CA THR B 120 18.26 16.72 15.94
C THR B 120 18.78 15.65 15.00
N TRP B 121 18.01 15.38 13.95
CA TRP B 121 18.14 14.19 13.10
C TRP B 121 18.32 14.55 11.63
N THR B 122 19.04 13.68 10.94
CA THR B 122 18.96 13.54 9.47
C THR B 122 18.35 12.19 9.16
N ASN B 123 17.96 12.00 7.91
CA ASN B 123 17.52 10.67 7.47
C ASN B 123 18.52 9.61 7.92
N ALA B 124 19.80 9.79 7.60
CA ALA B 124 20.82 8.79 7.97
C ALA B 124 20.88 8.58 9.49
N THR B 125 20.91 9.63 10.27
CA THR B 125 21.15 9.43 11.73
C THR B 125 19.90 8.89 12.41
N LEU B 126 18.69 9.28 11.99
CA LEU B 126 17.48 8.68 12.60
C LEU B 126 17.33 7.24 12.11
N THR B 127 17.63 6.98 10.83
CA THR B 127 17.58 5.59 10.32
C THR B 127 18.49 4.72 11.20
N ALA B 128 19.73 5.15 11.46
CA ALA B 128 20.68 4.39 12.27
C ALA B 128 20.14 4.18 13.70
N ALA B 129 19.57 5.21 14.29
CA ALA B 129 19.05 5.08 15.67
C ALA B 129 17.85 4.09 15.69
N LEU B 130 17.00 4.18 14.68
CA LEU B 130 15.83 3.29 14.53
C LEU B 130 16.30 1.84 14.39
N LYS B 131 17.25 1.59 13.48
N LYS B 131 17.23 1.59 13.47
CA LYS B 131 17.77 0.22 13.31
CA LYS B 131 17.77 0.22 13.30
C LYS B 131 18.43 -0.25 14.60
C LYS B 131 18.40 -0.23 14.61
N ASN B 132 19.15 0.64 15.29
CA ASN B 132 19.85 0.27 16.53
C ASN B 132 18.84 -0.10 17.62
N HIS B 133 17.77 0.66 17.71
CA HIS B 133 16.72 0.39 18.72
C HIS B 133 16.19 -1.01 18.44
N ILE B 134 15.75 -1.24 17.20
CA ILE B 134 15.12 -2.51 16.81
C ILE B 134 16.09 -3.67 17.01
N THR B 135 17.32 -3.51 16.54
CA THR B 135 18.28 -4.64 16.66
C THR B 135 18.52 -5.02 18.13
N ASN B 136 18.69 -4.03 19.00
CA ASN B 136 18.94 -4.32 20.44
C ASN B 136 17.72 -4.97 21.08
N VAL B 137 16.54 -4.39 20.88
CA VAL B 137 15.34 -4.91 21.58
C VAL B 137 15.00 -6.28 21.03
N VAL B 138 14.94 -6.44 19.72
CA VAL B 138 14.56 -7.74 19.12
C VAL B 138 15.62 -8.82 19.48
N SER B 139 16.90 -8.45 19.42
N SER B 139 16.90 -8.47 19.42
CA SER B 139 17.96 -9.42 19.79
CA SER B 139 17.92 -9.50 19.74
C SER B 139 17.78 -9.89 21.23
C SER B 139 17.84 -9.88 21.24
N HIS B 140 17.48 -8.94 22.12
CA HIS B 140 17.29 -9.24 23.56
C HIS B 140 16.22 -10.34 23.72
N TYR B 141 15.13 -10.23 22.97
CA TYR B 141 14.00 -11.17 23.08
C TYR B 141 14.03 -12.27 22.04
N LYS B 142 15.19 -12.49 21.40
N LYS B 142 15.18 -12.49 21.40
CA LYS B 142 15.26 -13.42 20.25
CA LYS B 142 15.26 -13.41 20.26
C LYS B 142 14.74 -14.80 20.64
C LYS B 142 14.74 -14.80 20.64
N GLY B 143 13.83 -15.36 19.84
CA GLY B 143 13.22 -16.67 20.04
C GLY B 143 12.11 -16.75 21.08
N LYS B 144 11.78 -15.62 21.71
N LYS B 144 11.83 -15.63 21.77
CA LYS B 144 10.74 -15.60 22.77
CA LYS B 144 10.75 -15.55 22.80
C LYS B 144 9.41 -15.03 22.25
C LYS B 144 9.40 -15.17 22.16
N CYS B 145 9.43 -14.39 21.08
CA CYS B 145 8.29 -13.62 20.57
C CYS B 145 7.63 -14.40 19.45
N LEU B 146 6.41 -14.89 19.64
CA LEU B 146 5.62 -15.49 18.57
C LEU B 146 5.42 -14.45 17.45
N HIS B 147 4.99 -13.27 17.85
CA HIS B 147 4.78 -12.10 16.96
C HIS B 147 5.54 -10.91 17.52
N TRP B 148 5.97 -10.03 16.66
CA TRP B 148 6.32 -8.64 16.98
C TRP B 148 5.29 -7.73 16.32
N ASP B 149 4.74 -6.77 17.07
CA ASP B 149 4.12 -5.58 16.44
C ASP B 149 5.27 -4.64 16.09
N VAL B 150 5.78 -4.73 14.87
CA VAL B 150 6.97 -3.97 14.46
C VAL B 150 6.65 -2.49 14.29
N VAL B 151 5.62 -2.20 13.51
CA VAL B 151 5.16 -0.81 13.28
C VAL B 151 3.70 -0.75 13.70
N ASN B 152 3.40 0.21 14.55
CA ASN B 152 2.08 0.41 15.16
C ASN B 152 1.50 1.72 14.66
N GLU B 153 0.24 1.70 14.22
CA GLU B 153 -0.56 2.95 14.00
C GLU B 153 0.20 3.97 13.16
N ALA B 154 0.65 3.56 11.98
CA ALA B 154 1.37 4.41 11.04
C ALA B 154 0.38 5.27 10.24
N LEU B 155 -0.91 4.99 10.29
CA LEU B 155 -1.90 5.63 9.39
C LEU B 155 -2.84 6.54 10.18
N ASN B 156 -3.22 7.63 9.53
CA ASN B 156 -4.41 8.37 9.95
C ASN B 156 -5.67 7.61 9.52
N ASP B 157 -6.83 7.97 10.08
CA ASP B 157 -8.11 7.29 9.74
C ASP B 157 -8.51 7.50 8.27
N ASP B 158 -7.99 8.50 7.55
CA ASP B 158 -8.25 8.65 6.11
C ASP B 158 -7.25 7.84 5.28
N GLY B 159 -6.32 7.11 5.91
CA GLY B 159 -5.34 6.31 5.18
C GLY B 159 -4.11 7.06 4.75
N THR B 160 -3.95 8.35 5.05
CA THR B 160 -2.66 9.04 4.90
C THR B 160 -1.72 8.56 6.02
N TYR B 161 -0.45 8.83 5.91
CA TYR B 161 0.52 8.49 6.98
C TYR B 161 0.41 9.50 8.11
N ARG B 162 0.44 8.97 9.32
CA ARG B 162 0.51 9.80 10.53
C ARG B 162 1.86 10.48 10.54
N THR B 163 1.97 11.80 10.76
N THR B 163 1.80 11.80 10.68
CA THR B 163 3.22 12.58 10.49
CA THR B 163 2.96 12.61 11.03
C THR B 163 4.15 12.69 11.73
C THR B 163 3.55 12.05 12.31
N ASN B 164 4.73 11.57 12.17
CA ASN B 164 5.61 11.41 13.34
C ASN B 164 7.03 11.70 12.88
N ILE B 165 7.99 11.68 13.79
CA ILE B 165 9.40 12.09 13.46
C ILE B 165 9.98 11.11 12.42
N PHE B 166 9.57 9.84 12.43
CA PHE B 166 10.10 8.87 11.46
C PHE B 166 9.57 9.25 10.08
N TYR B 167 8.28 9.56 9.98
CA TYR B 167 7.70 9.96 8.68
C TYR B 167 8.35 11.25 8.17
N THR B 168 8.50 12.25 9.01
CA THR B 168 9.01 13.58 8.53
C THR B 168 10.49 13.51 8.20
N THR B 169 11.25 12.64 8.83
CA THR B 169 12.72 12.62 8.61
C THR B 169 13.08 11.58 7.55
N ILE B 170 12.47 10.40 7.60
CA ILE B 170 12.83 9.29 6.71
C ILE B 170 11.80 9.15 5.59
N GLY B 171 10.54 9.51 5.84
CA GLY B 171 9.44 9.16 4.93
C GLY B 171 8.95 7.74 5.17
N GLU B 172 7.93 7.31 4.48
N GLU B 172 8.10 7.27 4.23
CA GLU B 172 7.33 6.00 4.81
CA GLU B 172 7.37 5.96 4.28
C GLU B 172 8.32 4.84 4.46
C GLU B 172 8.35 4.84 4.45
N ALA B 173 9.55 5.04 3.91
CA ALA B 173 10.59 4.00 3.92
C ALA B 173 10.94 3.55 5.34
N TYR B 174 10.62 4.35 6.36
CA TYR B 174 10.87 3.89 7.73
C TYR B 174 10.16 2.57 7.99
N ILE B 175 9.06 2.28 7.34
CA ILE B 175 8.28 1.04 7.61
C ILE B 175 9.05 -0.17 7.12
N PRO B 176 9.43 -0.27 5.84
CA PRO B 176 10.23 -1.43 5.45
C PRO B 176 11.59 -1.46 6.16
N ILE B 177 12.18 -0.30 6.44
CA ILE B 177 13.46 -0.34 7.20
C ILE B 177 13.25 -1.02 8.55
N ALA B 178 12.17 -0.72 9.25
CA ALA B 178 11.89 -1.32 10.58
C ALA B 178 11.66 -2.83 10.41
N PHE B 179 10.85 -3.26 9.43
CA PHE B 179 10.59 -4.71 9.23
C PHE B 179 11.90 -5.45 8.92
N ALA B 180 12.72 -4.88 8.07
CA ALA B 180 13.96 -5.59 7.69
C ALA B 180 14.89 -5.69 8.89
N ALA B 181 14.97 -4.63 9.70
CA ALA B 181 15.81 -4.69 10.92
C ALA B 181 15.29 -5.77 11.87
N ALA B 182 13.99 -5.85 12.10
CA ALA B 182 13.42 -6.85 13.02
C ALA B 182 13.67 -8.25 12.45
N ALA B 183 13.49 -8.45 11.17
CA ALA B 183 13.68 -9.78 10.53
C ALA B 183 15.13 -10.24 10.68
N ALA B 184 16.08 -9.33 10.54
CA ALA B 184 17.52 -9.70 10.65
C ALA B 184 17.83 -10.12 12.09
N ALA B 185 17.24 -9.47 13.09
CA ALA B 185 17.59 -9.71 14.49
C ALA B 185 16.89 -10.93 15.05
N ASP B 186 15.73 -11.30 14.53
CA ASP B 186 15.02 -12.52 14.95
C ASP B 186 14.25 -13.08 13.79
N PRO B 187 14.86 -13.96 13.00
CA PRO B 187 14.18 -14.55 11.85
C PRO B 187 12.96 -15.42 12.16
N ASP B 188 12.78 -15.82 13.42
CA ASP B 188 11.74 -16.77 13.83
C ASP B 188 10.46 -16.00 14.24
N ALA B 189 10.53 -14.70 14.53
CA ALA B 189 9.34 -13.93 14.93
C ALA B 189 8.47 -13.59 13.70
N LYS B 190 7.17 -13.77 13.81
CA LYS B 190 6.24 -13.27 12.78
C LYS B 190 6.13 -11.75 12.96
N LEU B 191 6.30 -11.02 11.89
CA LEU B 191 6.37 -9.55 11.96
C LEU B 191 5.04 -8.96 11.51
N PHE B 192 4.39 -8.24 12.42
CA PHE B 192 3.06 -7.65 12.22
C PHE B 192 3.13 -6.14 12.09
N TYR B 193 2.26 -5.63 11.23
CA TYR B 193 1.80 -4.23 11.21
C TYR B 193 0.49 -4.17 12.00
N ASN B 194 0.39 -3.35 13.02
CA ASN B 194 -0.77 -3.31 13.95
C ASN B 194 -1.47 -1.95 13.87
N ASP B 195 -2.81 -1.94 13.83
CA ASP B 195 -3.55 -0.66 13.76
C ASP B 195 -4.98 -0.88 14.20
N TYR B 196 -5.66 0.22 14.47
CA TYR B 196 -7.08 0.27 14.85
C TYR B 196 -7.90 0.87 13.70
N ASN B 197 -9.19 0.58 13.76
CA ASN B 197 -10.24 1.01 12.80
C ASN B 197 -10.13 0.30 11.46
N LEU B 198 -9.24 -0.66 11.29
CA LEU B 198 -9.14 -1.38 9.99
C LEU B 198 -10.38 -2.26 9.80
N GLU B 199 -11.09 -2.63 10.86
CA GLU B 199 -12.23 -3.56 10.80
C GLU B 199 -13.37 -2.98 9.98
N TYR B 200 -13.42 -1.67 9.85
CA TYR B 200 -14.47 -0.95 9.08
C TYR B 200 -14.12 -0.93 7.60
N GLY B 201 -12.99 -1.51 7.18
CA GLY B 201 -12.62 -1.46 5.77
C GLY B 201 -12.30 -0.08 5.32
N GLY B 202 -12.77 0.27 4.12
CA GLY B 202 -12.61 1.64 3.64
C GLY B 202 -11.18 2.12 3.52
N ALA B 203 -11.01 3.44 3.70
CA ALA B 203 -9.75 4.12 3.42
C ALA B 203 -8.59 3.52 4.22
N LYS B 204 -8.78 3.39 5.53
CA LYS B 204 -7.64 3.01 6.37
C LYS B 204 -7.27 1.56 6.05
N ALA B 205 -8.21 0.64 5.84
CA ALA B 205 -7.86 -0.73 5.48
C ALA B 205 -7.11 -0.73 4.15
N ALA B 206 -7.53 0.05 3.17
CA ALA B 206 -6.86 0.06 1.86
C ALA B 206 -5.42 0.47 2.03
N SER B 207 -5.19 1.51 2.82
CA SER B 207 -3.80 1.96 3.03
C SER B 207 -3.01 0.95 3.84
N ALA B 208 -3.62 0.17 4.70
CA ALA B 208 -2.92 -0.88 5.45
C ALA B 208 -2.55 -2.01 4.49
N ARG B 209 -3.41 -2.39 3.55
CA ARG B 209 -3.02 -3.37 2.53
C ARG B 209 -1.87 -2.80 1.73
N ALA B 210 -1.90 -1.52 1.38
CA ALA B 210 -0.82 -0.87 0.64
C ALA B 210 0.48 -0.88 1.42
N ILE B 211 0.46 -0.78 2.74
CA ILE B 211 1.70 -0.92 3.57
C ILE B 211 2.28 -2.31 3.32
N VAL B 212 1.45 -3.35 3.31
CA VAL B 212 1.98 -4.69 3.00
C VAL B 212 2.72 -4.64 1.67
N GLN B 213 2.15 -4.04 0.66
CA GLN B 213 2.80 -4.00 -0.67
C GLN B 213 4.04 -3.13 -0.65
N LEU B 214 4.05 -1.99 0.06
CA LEU B 214 5.25 -1.17 0.21
C LEU B 214 6.39 -2.00 0.75
N VAL B 215 6.13 -2.77 1.78
CA VAL B 215 7.20 -3.56 2.45
C VAL B 215 7.64 -4.66 1.48
N LYS B 216 6.71 -5.33 0.81
CA LYS B 216 7.09 -6.36 -0.20
C LYS B 216 7.92 -5.71 -1.29
N ASN B 217 7.58 -4.51 -1.74
CA ASN B 217 8.35 -3.84 -2.83
C ASN B 217 9.80 -3.58 -2.43
N ALA B 218 10.05 -3.37 -1.14
CA ALA B 218 11.39 -3.16 -0.59
C ALA B 218 12.10 -4.50 -0.37
N GLY B 219 11.46 -5.62 -0.62
CA GLY B 219 12.12 -6.94 -0.40
C GLY B 219 12.17 -7.29 1.06
N ALA B 220 11.41 -6.63 1.93
CA ALA B 220 11.43 -6.86 3.40
C ALA B 220 10.30 -7.80 3.81
N LYS B 221 10.50 -8.45 4.96
CA LYS B 221 9.59 -9.48 5.51
C LYS B 221 8.41 -8.82 6.24
N ILE B 222 7.21 -9.20 5.90
CA ILE B 222 6.00 -8.86 6.68
C ILE B 222 5.09 -10.07 6.70
N ASP B 223 4.72 -10.52 7.87
CA ASP B 223 3.96 -11.77 8.04
C ASP B 223 2.49 -11.56 8.37
N GLY B 224 2.12 -10.42 8.96
CA GLY B 224 0.80 -10.30 9.58
C GLY B 224 0.32 -8.87 9.65
N VAL B 225 -0.98 -8.74 9.72
CA VAL B 225 -1.65 -7.46 10.07
C VAL B 225 -2.46 -7.72 11.33
N GLY B 226 -2.22 -6.86 12.33
CA GLY B 226 -2.94 -6.88 13.61
C GLY B 226 -4.07 -5.89 13.57
N LEU B 227 -5.27 -6.37 13.85
CA LEU B 227 -6.46 -5.50 13.91
C LEU B 227 -6.73 -5.30 15.39
N GLN B 228 -6.57 -4.09 15.91
CA GLN B 228 -6.64 -3.90 17.38
C GLN B 228 -8.03 -4.24 17.91
N ALA B 229 -9.11 -3.91 17.20
CA ALA B 229 -10.49 -4.20 17.64
C ALA B 229 -10.83 -3.40 18.90
N HIS B 230 -10.45 -2.13 18.95
CA HIS B 230 -10.99 -1.19 19.94
C HIS B 230 -12.31 -0.68 19.42
N PHE B 231 -13.39 -1.11 20.02
CA PHE B 231 -14.74 -0.68 19.58
C PHE B 231 -15.53 -0.01 20.69
N SER B 232 -16.50 0.83 20.33
N SER B 232 -16.55 0.75 20.26
CA SER B 232 -17.59 1.19 21.27
CA SER B 232 -17.72 1.20 21.06
C SER B 232 -18.78 0.27 21.01
C SER B 232 -18.82 0.15 20.97
N VAL B 233 -19.50 -0.10 22.07
CA VAL B 233 -20.59 -1.10 22.00
C VAL B 233 -21.65 -0.68 20.97
N GLY B 234 -22.11 -1.65 20.21
CA GLY B 234 -23.16 -1.43 19.21
C GLY B 234 -22.64 -0.89 17.91
N THR B 235 -21.32 -0.72 17.72
CA THR B 235 -20.75 -0.22 16.45
C THR B 235 -19.89 -1.31 15.78
N VAL B 236 -19.93 -2.53 16.26
CA VAL B 236 -19.16 -3.63 15.64
C VAL B 236 -19.89 -4.06 14.39
N PRO B 237 -19.21 -4.16 13.23
CA PRO B 237 -19.82 -4.73 12.03
C PRO B 237 -20.31 -6.16 12.26
N SER B 238 -21.14 -6.65 11.35
CA SER B 238 -21.60 -8.04 11.39
C SER B 238 -20.43 -8.99 11.24
N THR B 239 -20.60 -10.24 11.64
CA THR B 239 -19.58 -11.28 11.46
C THR B 239 -19.18 -11.33 9.98
N SER B 240 -20.13 -11.37 9.05
N SER B 240 -20.14 -11.24 9.07
CA SER B 240 -19.79 -11.60 7.63
CA SER B 240 -19.86 -11.32 7.61
C SER B 240 -18.97 -10.42 7.11
C SER B 240 -19.05 -10.10 7.16
N SER B 241 -19.29 -9.20 7.56
N SER B 241 -19.37 -8.92 7.65
CA SER B 241 -18.56 -7.96 7.19
CA SER B 241 -18.61 -7.69 7.30
C SER B 241 -17.12 -8.05 7.70
C SER B 241 -17.17 -7.81 7.79
N LEU B 242 -16.98 -8.40 8.97
CA LEU B 242 -15.62 -8.55 9.56
C LEU B 242 -14.84 -9.57 8.74
N VAL B 243 -15.44 -10.72 8.43
CA VAL B 243 -14.73 -11.76 7.64
C VAL B 243 -14.25 -11.20 6.30
N SER B 244 -15.07 -10.40 5.62
N SER B 244 -15.10 -10.43 5.62
CA SER B 244 -14.70 -9.83 4.30
CA SER B 244 -14.75 -9.79 4.34
C SER B 244 -13.52 -8.87 4.46
C SER B 244 -13.47 -8.96 4.53
N VAL B 245 -13.40 -8.17 5.59
CA VAL B 245 -12.22 -7.31 5.80
C VAL B 245 -11.00 -8.17 6.09
N LEU B 246 -11.13 -9.17 6.95
CA LEU B 246 -9.98 -10.02 7.28
C LEU B 246 -9.46 -10.67 5.99
N GLN B 247 -10.39 -11.18 5.17
CA GLN B 247 -10.01 -11.85 3.91
C GLN B 247 -9.35 -10.90 2.93
N SER B 248 -9.65 -9.61 3.00
CA SER B 248 -8.94 -8.63 2.13
C SER B 248 -7.46 -8.61 2.48
N PHE B 249 -7.11 -8.89 3.73
CA PHE B 249 -5.69 -8.98 4.15
C PHE B 249 -5.12 -10.37 3.84
N THR B 250 -5.86 -11.43 4.15
CA THR B 250 -5.27 -12.78 3.95
C THR B 250 -5.07 -13.03 2.46
N ALA B 251 -5.78 -12.31 1.60
CA ALA B 251 -5.62 -12.38 0.13
C ALA B 251 -4.20 -11.97 -0.26
N LEU B 252 -3.52 -11.17 0.57
CA LEU B 252 -2.15 -10.66 0.31
C LEU B 252 -1.09 -11.62 0.82
N GLY B 253 -1.51 -12.75 1.41
CA GLY B 253 -0.58 -13.80 1.89
C GLY B 253 -0.06 -13.52 3.30
N VAL B 254 -0.63 -12.56 4.02
CA VAL B 254 -0.31 -12.33 5.46
C VAL B 254 -1.36 -13.02 6.33
N GLU B 255 -0.95 -13.35 7.52
CA GLU B 255 -1.83 -13.72 8.65
C GLU B 255 -2.52 -12.49 9.16
N VAL B 256 -3.63 -12.69 9.84
CA VAL B 256 -4.25 -11.62 10.65
C VAL B 256 -4.48 -12.13 12.06
N ALA B 257 -4.67 -11.18 12.98
CA ALA B 257 -5.06 -11.50 14.36
C ALA B 257 -5.80 -10.28 14.90
N TYR B 258 -6.71 -10.49 15.84
CA TYR B 258 -7.25 -9.38 16.63
C TYR B 258 -6.34 -9.23 17.85
N THR B 259 -5.84 -8.04 18.07
CA THR B 259 -4.69 -7.85 18.99
C THR B 259 -5.01 -7.10 20.27
N GLU B 260 -6.05 -6.29 20.33
CA GLU B 260 -6.28 -5.42 21.50
C GLU B 260 -7.77 -5.25 21.79
N ALA B 261 -8.51 -6.33 21.68
CA ALA B 261 -9.97 -6.17 21.59
C ALA B 261 -10.54 -5.64 22.90
N ASP B 262 -11.44 -4.72 22.79
CA ASP B 262 -12.30 -4.28 23.92
C ASP B 262 -13.52 -3.59 23.33
N VAL B 263 -14.56 -3.50 24.10
CA VAL B 263 -15.87 -2.99 23.60
C VAL B 263 -16.44 -2.06 24.66
N ARG B 264 -16.13 -0.78 24.56
CA ARG B 264 -16.37 0.20 25.61
C ARG B 264 -17.83 0.66 25.63
N ILE B 265 -18.30 0.99 26.81
CA ILE B 265 -19.72 1.35 27.05
C ILE B 265 -19.74 2.68 27.74
N LEU B 266 -20.62 3.58 27.30
CA LEU B 266 -20.79 4.88 27.98
C LEU B 266 -21.53 4.61 29.30
N LEU B 267 -20.88 4.90 30.43
CA LEU B 267 -21.38 4.37 31.72
C LEU B 267 -22.58 5.20 32.19
N PRO B 268 -23.43 4.61 33.03
CA PRO B 268 -23.34 3.24 33.52
C PRO B 268 -23.84 2.17 32.55
N THR B 269 -23.42 0.94 32.76
CA THR B 269 -23.92 -0.22 32.00
C THR B 269 -25.38 -0.47 32.32
N THR B 270 -26.04 -1.24 31.47
CA THR B 270 -27.38 -1.79 31.72
C THR B 270 -27.29 -3.25 31.34
N ALA B 271 -28.26 -4.07 31.71
CA ALA B 271 -28.32 -5.44 31.23
C ALA B 271 -28.29 -5.45 29.69
N THR B 272 -28.93 -4.49 29.04
CA THR B 272 -29.03 -4.46 27.57
C THR B 272 -27.64 -4.16 26.96
N THR B 273 -26.91 -3.20 27.50
CA THR B 273 -25.59 -2.90 26.90
C THR B 273 -24.61 -4.01 27.23
N LEU B 274 -24.74 -4.69 28.39
CA LEU B 274 -23.86 -5.85 28.65
C LEU B 274 -24.16 -7.00 27.68
N ALA B 275 -25.43 -7.21 27.28
CA ALA B 275 -25.79 -8.22 26.29
C ALA B 275 -25.28 -7.81 24.91
N GLN B 276 -25.41 -6.53 24.57
CA GLN B 276 -24.90 -6.06 23.27
C GLN B 276 -23.37 -6.23 23.24
N GLN B 277 -22.70 -5.90 24.34
CA GLN B 277 -21.24 -6.15 24.43
C GLN B 277 -20.92 -7.62 24.20
N SER B 278 -21.71 -8.54 24.77
CA SER B 278 -21.51 -9.98 24.57
C SER B 278 -21.61 -10.31 23.07
N SER B 279 -22.65 -9.79 22.41
CA SER B 279 -22.88 -10.03 20.95
C SER B 279 -21.72 -9.47 20.12
N ASP B 280 -21.21 -8.33 20.53
CA ASP B 280 -20.07 -7.65 19.83
C ASP B 280 -18.80 -8.51 19.92
N PHE B 281 -18.42 -8.88 21.14
CA PHE B 281 -17.28 -9.82 21.31
C PHE B 281 -17.50 -11.14 20.55
N GLN B 282 -18.72 -11.69 20.61
CA GLN B 282 -19.04 -12.96 19.95
C GLN B 282 -18.76 -12.80 18.45
N ALA B 283 -19.27 -11.75 17.83
CA ALA B 283 -19.08 -11.54 16.39
C ALA B 283 -17.57 -11.44 16.04
N LEU B 284 -16.85 -10.71 16.87
CA LEU B 284 -15.40 -10.55 16.60
C LEU B 284 -14.68 -11.88 16.62
N VAL B 285 -14.86 -12.66 17.69
CA VAL B 285 -14.11 -13.93 17.75
C VAL B 285 -14.64 -14.94 16.71
N GLN B 286 -15.93 -14.88 16.37
CA GLN B 286 -16.47 -15.81 15.34
C GLN B 286 -15.86 -15.45 13.99
N SER B 287 -15.57 -14.18 13.74
CA SER B 287 -14.96 -13.80 12.44
C SER B 287 -13.53 -14.36 12.35
N CYS B 288 -12.82 -14.37 13.47
CA CYS B 288 -11.47 -14.98 13.53
C CYS B 288 -11.57 -16.49 13.29
N VAL B 289 -12.49 -17.16 13.99
CA VAL B 289 -12.69 -18.62 13.78
C VAL B 289 -12.99 -18.93 12.30
N GLN B 290 -13.80 -18.12 11.65
CA GLN B 290 -14.26 -18.40 10.27
C GLN B 290 -13.20 -18.09 9.22
N THR B 291 -12.20 -17.27 9.52
CA THR B 291 -11.27 -16.80 8.51
C THR B 291 -10.00 -17.63 8.53
N THR B 292 -9.69 -18.33 7.43
CA THR B 292 -8.42 -19.07 7.35
C THR B 292 -7.29 -18.05 7.39
N GLY B 293 -6.37 -18.21 8.30
CA GLY B 293 -5.28 -17.22 8.34
C GLY B 293 -5.47 -16.16 9.42
N CYS B 294 -6.61 -16.11 10.07
CA CYS B 294 -6.75 -15.40 11.35
C CYS B 294 -6.30 -16.38 12.44
N VAL B 295 -5.22 -16.05 13.12
CA VAL B 295 -4.51 -17.02 13.96
C VAL B 295 -4.83 -16.89 15.45
N GLY B 296 -5.43 -15.80 15.91
CA GLY B 296 -5.56 -15.67 17.37
C GLY B 296 -6.25 -14.40 17.76
N PHE B 297 -6.62 -14.30 19.00
CA PHE B 297 -7.50 -13.26 19.54
C PHE B 297 -6.93 -12.82 20.87
N THR B 298 -6.66 -11.54 21.03
CA THR B 298 -6.14 -10.99 22.27
C THR B 298 -7.05 -9.84 22.73
N ILE B 299 -7.43 -9.88 24.00
CA ILE B 299 -8.19 -8.75 24.61
C ILE B 299 -7.25 -7.80 25.30
N TRP B 300 -7.54 -6.52 25.33
CA TRP B 300 -6.63 -5.50 25.91
C TRP B 300 -6.84 -5.44 27.42
N ASP B 301 -6.15 -6.39 28.07
CA ASP B 301 -6.38 -6.79 29.47
C ASP B 301 -7.70 -7.53 29.52
N TRP B 302 -8.08 -8.04 30.71
CA TRP B 302 -9.22 -8.96 30.79
C TRP B 302 -10.26 -8.50 31.80
N THR B 303 -9.88 -7.62 32.73
CA THR B 303 -10.81 -7.10 33.75
C THR B 303 -10.91 -5.60 33.61
N ASP B 304 -12.16 -5.12 33.78
CA ASP B 304 -12.47 -3.69 33.80
C ASP B 304 -11.61 -2.93 34.82
N LYS B 305 -11.16 -3.62 35.88
CA LYS B 305 -10.32 -2.98 36.91
C LYS B 305 -9.09 -2.29 36.29
N TYR B 306 -8.53 -2.86 35.23
CA TYR B 306 -7.23 -2.38 34.70
C TYR B 306 -7.34 -1.99 33.23
N SER B 307 -8.55 -1.76 32.76
CA SER B 307 -8.75 -1.30 31.35
C SER B 307 -8.22 0.12 31.21
N TRP B 308 -7.59 0.38 30.05
CA TRP B 308 -7.11 1.73 29.64
C TRP B 308 -8.28 2.68 29.30
N VAL B 309 -9.48 2.13 29.16
CA VAL B 309 -10.56 2.95 28.53
C VAL B 309 -10.92 4.15 29.39
N PRO B 310 -11.23 4.03 30.70
CA PRO B 310 -11.70 5.20 31.44
C PRO B 310 -10.74 6.38 31.44
N SER B 311 -9.43 6.13 31.43
CA SER B 311 -8.43 7.22 31.43
C SER B 311 -8.27 7.84 30.03
N THR B 312 -8.82 7.22 29.01
CA THR B 312 -8.64 7.67 27.60
C THR B 312 -9.93 8.27 27.03
N PHE B 313 -11.07 7.64 27.30
CA PHE B 313 -12.37 8.02 26.71
C PHE B 313 -13.29 8.40 27.85
N SER B 314 -13.42 9.70 28.02
CA SER B 314 -14.10 10.30 29.18
C SER B 314 -15.53 9.74 29.26
N GLY B 315 -15.88 9.13 30.38
CA GLY B 315 -17.24 8.62 30.62
C GLY B 315 -17.47 7.19 30.19
N TYR B 316 -16.48 6.58 29.51
CA TYR B 316 -16.62 5.20 29.01
C TYR B 316 -15.88 4.24 29.95
N GLY B 317 -16.29 3.02 29.85
CA GLY B 317 -15.62 1.96 30.63
C GLY B 317 -16.29 0.64 30.42
N ALA B 318 -16.15 -0.25 31.40
CA ALA B 318 -16.74 -1.59 31.44
C ALA B 318 -16.54 -2.30 30.10
N ALA B 319 -15.31 -2.22 29.57
CA ALA B 319 -15.04 -2.65 28.17
C ALA B 319 -14.64 -4.12 27.99
N LEU B 320 -14.49 -4.89 29.08
CA LEU B 320 -13.86 -6.24 29.02
C LEU B 320 -14.76 -7.36 29.53
N PRO B 321 -14.36 -8.62 29.36
CA PRO B 321 -15.23 -9.72 29.73
C PRO B 321 -15.31 -10.09 31.22
N TRP B 322 -14.45 -9.52 32.05
CA TRP B 322 -14.61 -9.61 33.51
C TRP B 322 -14.75 -8.22 34.10
N ASP B 323 -15.56 -8.10 35.16
CA ASP B 323 -15.78 -6.82 35.81
C ASP B 323 -14.65 -6.46 36.78
N GLU B 324 -14.70 -5.31 37.41
CA GLU B 324 -13.63 -4.75 38.26
C GLU B 324 -13.45 -5.57 39.55
N ASN B 325 -14.38 -6.44 39.87
CA ASN B 325 -14.24 -7.38 41.03
C ASN B 325 -13.75 -8.74 40.54
N LEU B 326 -13.32 -8.85 39.27
CA LEU B 326 -12.75 -10.07 38.67
C LEU B 326 -13.82 -11.15 38.49
N VAL B 327 -15.06 -10.72 38.29
CA VAL B 327 -16.20 -11.63 38.05
C VAL B 327 -16.61 -11.56 36.58
N LYS B 328 -16.89 -12.70 36.02
CA LYS B 328 -17.26 -12.81 34.60
C LYS B 328 -18.53 -12.00 34.34
N LYS B 329 -18.52 -11.33 33.21
CA LYS B 329 -19.68 -10.62 32.64
C LYS B 329 -20.25 -11.47 31.52
N PRO B 330 -21.44 -11.07 30.93
CA PRO B 330 -21.99 -11.88 29.85
C PRO B 330 -21.07 -12.10 28.65
N ALA B 331 -20.19 -11.14 28.39
CA ALA B 331 -19.26 -11.27 27.26
C ALA B 331 -18.34 -12.48 27.37
N TYR B 332 -18.06 -12.98 28.59
CA TYR B 332 -17.26 -14.23 28.67
C TYR B 332 -17.96 -15.36 27.90
N ASN B 333 -19.26 -15.53 28.14
CA ASN B 333 -20.07 -16.57 27.46
C ASN B 333 -20.28 -16.22 25.99
N GLY B 334 -20.37 -14.93 25.64
CA GLY B 334 -20.41 -14.52 24.25
C GLY B 334 -19.18 -14.97 23.51
N LEU B 335 -18.00 -14.84 24.12
CA LEU B 335 -16.75 -15.29 23.46
C LEU B 335 -16.80 -16.81 23.27
N LEU B 336 -17.19 -17.55 24.31
CA LEU B 336 -17.31 -19.02 24.15
C LEU B 336 -18.31 -19.34 23.03
N ALA B 337 -19.43 -18.64 22.99
CA ALA B 337 -20.44 -18.92 21.94
C ALA B 337 -19.85 -18.64 20.55
N GLY B 338 -19.08 -17.55 20.40
CA GLY B 338 -18.42 -17.25 19.14
C GLY B 338 -17.37 -18.26 18.77
N MET B 339 -16.90 -19.09 19.72
CA MET B 339 -16.01 -20.23 19.41
C MET B 339 -16.78 -21.57 19.48
N GLY B 340 -18.10 -21.52 19.32
CA GLY B 340 -18.96 -22.72 19.12
C GLY B 340 -19.16 -23.52 20.40
N VAL B 341 -18.97 -22.91 21.56
CA VAL B 341 -19.22 -23.54 22.89
C VAL B 341 -20.56 -22.99 23.38
N THR B 342 -21.54 -23.86 23.60
CA THR B 342 -22.84 -23.45 24.18
C THR B 342 -22.78 -23.62 25.70
N VAL B 343 -23.29 -22.65 26.45
CA VAL B 343 -23.31 -22.64 27.93
C VAL B 343 -24.72 -22.96 28.44
#